data_5WQF
#
_entry.id   5WQF
#
_cell.length_a   100.610
_cell.length_b   47.660
_cell.length_c   121.440
_cell.angle_alpha   90.00
_cell.angle_beta   108.07
_cell.angle_gamma   90.00
#
_symmetry.space_group_name_H-M   'P 1 21 1'
#
loop_
_entity.id
_entity.type
_entity.pdbx_description
1 polymer 'Isomerase trt14'
2 non-polymer 'CALCIUM ION'
3 non-polymer N-PROPANOL
4 water water
#
_entity_poly.entity_id   1
_entity_poly.type   'polypeptide(L)'
_entity_poly.pdbx_seq_one_letter_code
;MGSSHHHHHHSSGLVPRGSHMSPTREDLVATAKLFIAKYNEFTPESIISVRTPNSVSHRLFPTRNATRNIGESMEACANA
KEVFKSLTVSVIDDNDTIVDERTRKVVFYLASRGDTIVGEWKSECIFIFQMSEDGKLVDRIWAGFDTAYMDEFESRLDGI
TF
;
_entity_poly.pdbx_strand_id   A,B,C,D,E,F
#
# COMPACT_ATOMS: atom_id res chain seq x y z
N PRO A 23 -10.27 -15.89 8.96
CA PRO A 23 -10.22 -14.71 8.08
C PRO A 23 -9.14 -13.72 8.51
N THR A 24 -8.44 -13.15 7.53
CA THR A 24 -7.39 -12.18 7.82
C THR A 24 -7.98 -10.80 8.07
N ARG A 25 -7.13 -9.91 8.60
CA ARG A 25 -7.49 -8.50 8.71
C ARG A 25 -8.08 -7.97 7.42
N GLU A 26 -7.43 -8.28 6.30
CA GLU A 26 -7.85 -7.77 5.00
C GLU A 26 -9.17 -8.41 4.54
N ASP A 27 -9.43 -9.66 4.94
CA ASP A 27 -10.70 -10.31 4.62
C ASP A 27 -11.86 -9.63 5.34
N LEU A 28 -11.69 -9.33 6.63
CA LEU A 28 -12.71 -8.63 7.40
C LEU A 28 -13.01 -7.26 6.79
N VAL A 29 -11.96 -6.50 6.50
CA VAL A 29 -12.12 -5.18 5.89
C VAL A 29 -12.86 -5.29 4.57
N ALA A 30 -12.46 -6.26 3.71
CA ALA A 30 -13.09 -6.36 2.40
C ALA A 30 -14.58 -6.66 2.52
N THR A 31 -14.99 -7.45 3.53
CA THR A 31 -16.42 -7.71 3.67
C THR A 31 -17.18 -6.44 4.11
N ALA A 32 -16.57 -5.64 4.98
CA ALA A 32 -17.18 -4.38 5.37
C ALA A 32 -17.24 -3.40 4.20
N LYS A 33 -16.18 -3.34 3.39
CA LYS A 33 -16.22 -2.48 2.20
C LYS A 33 -17.28 -2.97 1.21
N LEU A 34 -17.46 -4.29 1.12
CA LEU A 34 -18.52 -4.81 0.24
C LEU A 34 -19.89 -4.43 0.80
N PHE A 35 -20.06 -4.51 2.12
CA PHE A 35 -21.31 -4.07 2.71
C PHE A 35 -21.60 -2.62 2.33
N ILE A 36 -20.59 -1.75 2.44
CA ILE A 36 -20.78 -0.35 2.10
C ILE A 36 -21.10 -0.19 0.62
N ALA A 37 -20.38 -0.91 -0.23
CA ALA A 37 -20.63 -0.81 -1.66
C ALA A 37 -22.08 -1.12 -1.99
N LYS A 38 -22.61 -2.21 -1.41
CA LYS A 38 -24.00 -2.60 -1.67
C LYS A 38 -24.97 -1.69 -0.96
N TYR A 39 -24.61 -1.21 0.24
CA TYR A 39 -25.46 -0.24 0.90
C TYR A 39 -25.73 0.96 0.00
N ASN A 40 -24.72 1.40 -0.75
CA ASN A 40 -24.87 2.59 -1.56
C ASN A 40 -25.76 2.39 -2.78
N GLU A 41 -26.12 1.14 -3.11
CA GLU A 41 -27.13 0.94 -4.13
C GLU A 41 -28.50 1.31 -3.60
N PHE A 42 -28.69 1.19 -2.28
CA PHE A 42 -29.84 1.76 -1.57
C PHE A 42 -31.18 1.19 -2.06
N THR A 43 -31.30 -0.13 -2.04
CA THR A 43 -32.55 -0.84 -2.23
C THR A 43 -32.70 -1.84 -1.10
N PRO A 44 -33.92 -2.26 -0.78
CA PRO A 44 -34.05 -3.31 0.25
C PRO A 44 -33.25 -4.55 -0.08
N GLU A 45 -33.16 -4.89 -1.38
CA GLU A 45 -32.33 -6.02 -1.78
C GLU A 45 -30.86 -5.81 -1.42
N SER A 46 -30.30 -4.63 -1.77
CA SER A 46 -28.86 -4.42 -1.61
C SER A 46 -28.44 -4.30 -0.14
N ILE A 47 -29.30 -3.75 0.72
CA ILE A 47 -28.90 -3.53 2.11
C ILE A 47 -28.91 -4.80 2.93
N ILE A 48 -29.43 -5.91 2.38
CA ILE A 48 -29.36 -7.22 3.04
C ILE A 48 -28.35 -8.15 2.41
N SER A 49 -27.71 -7.74 1.33
CA SER A 49 -27.06 -8.73 0.48
C SER A 49 -25.69 -9.14 1.01
N VAL A 50 -25.23 -8.49 2.07
CA VAL A 50 -23.96 -8.88 2.67
C VAL A 50 -24.14 -9.20 4.15
N ARG A 51 -25.35 -9.59 4.53
CA ARG A 51 -25.66 -9.88 5.93
C ARG A 51 -26.13 -11.32 6.07
N THR A 52 -25.85 -11.92 7.22
CA THR A 52 -26.43 -13.22 7.51
C THR A 52 -27.93 -13.05 7.75
N PRO A 53 -28.72 -14.10 7.49
CA PRO A 53 -30.18 -13.96 7.57
C PRO A 53 -30.68 -13.70 8.97
N ASN A 54 -29.97 -14.14 9.99
CA ASN A 54 -30.35 -13.92 11.38
C ASN A 54 -29.65 -12.71 12.01
N SER A 55 -28.90 -11.94 11.23
CA SER A 55 -28.19 -10.77 11.74
C SER A 55 -29.14 -9.72 12.30
N VAL A 56 -28.65 -8.96 13.28
CA VAL A 56 -29.43 -7.85 13.81
C VAL A 56 -28.56 -6.60 13.74
N SER A 57 -29.23 -5.46 13.54
CA SER A 57 -28.60 -4.15 13.45
C SER A 57 -29.03 -3.33 14.65
N HIS A 58 -28.07 -2.86 15.42
CA HIS A 58 -28.35 -2.07 16.63
C HIS A 58 -28.11 -0.60 16.37
N ARG A 59 -28.88 0.24 17.05
CA ARG A 59 -28.61 1.67 17.14
C ARG A 59 -27.94 1.93 18.48
N LEU A 60 -26.83 2.69 18.45
CA LEU A 60 -26.21 3.09 19.69
C LEU A 60 -26.87 4.34 20.25
N PHE A 61 -26.69 4.54 21.53
CA PHE A 61 -27.12 5.72 22.28
C PHE A 61 -28.57 5.56 22.73
N PRO A 62 -28.84 5.91 23.99
CA PRO A 62 -30.22 5.79 24.50
C PRO A 62 -31.27 6.50 23.64
N THR A 63 -31.02 7.74 23.21
CA THR A 63 -32.07 8.51 22.54
C THR A 63 -32.50 7.90 21.20
N ARG A 64 -31.71 6.99 20.63
CA ARG A 64 -32.02 6.39 19.33
C ARG A 64 -32.09 4.86 19.38
N ASN A 65 -31.94 4.26 20.56
CA ASN A 65 -31.88 2.81 20.70
C ASN A 65 -32.96 2.12 19.90
N ALA A 66 -32.55 1.10 19.11
CA ALA A 66 -33.45 0.28 18.31
C ALA A 66 -32.67 -0.94 17.84
N THR A 67 -33.40 -1.92 17.30
CA THR A 67 -32.84 -3.19 16.84
C THR A 67 -33.64 -3.70 15.66
N ARG A 68 -32.94 -4.12 14.59
CA ARG A 68 -33.62 -4.49 13.35
C ARG A 68 -33.08 -5.81 12.83
N ASN A 69 -33.97 -6.78 12.64
CA ASN A 69 -33.62 -7.99 11.93
C ASN A 69 -33.65 -7.68 10.42
N ILE A 70 -33.54 -8.72 9.60
CA ILE A 70 -33.44 -8.50 8.16
C ILE A 70 -34.72 -7.88 7.62
N GLY A 71 -35.87 -8.49 7.90
CA GLY A 71 -37.13 -7.97 7.40
C GLY A 71 -37.38 -6.54 7.83
N GLU A 72 -37.07 -6.22 9.08
CA GLU A 72 -37.24 -4.86 9.57
C GLU A 72 -36.29 -3.89 8.89
N SER A 73 -35.08 -4.35 8.54
CA SER A 73 -34.17 -3.48 7.79
C SER A 73 -34.68 -3.22 6.38
N MET A 74 -35.28 -4.24 5.73
CA MET A 74 -35.88 -4.00 4.41
C MET A 74 -37.05 -3.03 4.49
N GLU A 75 -37.92 -3.20 5.49
CA GLU A 75 -39.04 -2.27 5.65
C GLU A 75 -38.55 -0.85 5.90
N ALA A 76 -37.49 -0.70 6.69
CA ALA A 76 -36.98 0.64 7.00
C ALA A 76 -36.32 1.29 5.79
N CYS A 77 -35.61 0.49 4.99
CA CYS A 77 -35.09 1.02 3.75
C CYS A 77 -36.22 1.45 2.83
N ALA A 78 -37.26 0.61 2.69
CA ALA A 78 -38.39 0.99 1.84
C ALA A 78 -39.00 2.30 2.31
N ASN A 79 -39.19 2.45 3.63
CA ASN A 79 -39.70 3.72 4.15
C ASN A 79 -38.72 4.86 3.89
N ALA A 80 -37.42 4.61 4.03
CA ALA A 80 -36.44 5.68 3.81
C ALA A 80 -36.45 6.17 2.37
N LYS A 81 -36.65 5.25 1.42
CA LYS A 81 -36.66 5.67 0.02
C LYS A 81 -37.86 6.55 -0.34
N GLU A 82 -38.88 6.63 0.52
CA GLU A 82 -39.93 7.62 0.31
C GLU A 82 -39.47 9.03 0.65
N VAL A 83 -38.44 9.15 1.50
CA VAL A 83 -37.89 10.44 1.90
C VAL A 83 -36.59 10.75 1.16
N PHE A 84 -35.69 9.78 1.09
CA PHE A 84 -34.39 9.94 0.49
C PHE A 84 -34.47 9.60 -1.00
N LYS A 85 -34.19 10.59 -1.85
CA LYS A 85 -34.07 10.32 -3.28
C LYS A 85 -32.76 9.59 -3.58
N SER A 86 -31.73 9.85 -2.78
CA SER A 86 -30.43 9.20 -2.92
C SER A 86 -29.76 9.20 -1.56
N LEU A 87 -28.87 8.23 -1.37
CA LEU A 87 -28.10 8.14 -0.12
C LEU A 87 -26.74 7.55 -0.48
N THR A 88 -25.67 8.17 0.03
CA THR A 88 -24.32 7.76 -0.29
C THR A 88 -23.48 7.83 0.97
N VAL A 89 -22.82 6.71 1.28
CA VAL A 89 -22.01 6.56 2.47
C VAL A 89 -20.58 6.30 2.04
N SER A 90 -19.61 6.88 2.73
CA SER A 90 -18.21 6.56 2.40
C SER A 90 -17.33 6.59 3.63
N VAL A 91 -16.37 5.66 3.66
CA VAL A 91 -15.32 5.67 4.67
C VAL A 91 -14.41 6.87 4.40
N ILE A 92 -14.21 7.69 5.43
CA ILE A 92 -13.53 8.96 5.22
C ILE A 92 -12.04 8.76 5.01
N ASP A 93 -11.45 7.83 5.75
CA ASP A 93 -10.00 7.64 5.78
C ASP A 93 -9.74 6.23 6.28
N ASP A 94 -9.07 5.43 5.46
CA ASP A 94 -8.77 4.05 5.85
C ASP A 94 -7.83 3.99 7.05
N ASN A 95 -7.07 5.05 7.31
CA ASN A 95 -6.25 5.09 8.53
C ASN A 95 -7.10 5.06 9.79
N ASP A 96 -8.34 5.55 9.74
CA ASP A 96 -9.22 5.52 10.93
C ASP A 96 -9.74 4.12 11.25
N THR A 97 -9.75 3.20 10.29
CA THR A 97 -10.46 1.93 10.46
C THR A 97 -9.83 1.08 11.57
N ILE A 98 -10.67 0.44 12.37
CA ILE A 98 -10.22 -0.41 13.48
C ILE A 98 -10.64 -1.83 13.19
N VAL A 99 -9.70 -2.77 13.26
CA VAL A 99 -9.97 -4.19 12.98
C VAL A 99 -9.49 -5.04 14.15
N ASP A 100 -10.39 -5.85 14.73
CA ASP A 100 -10.10 -6.78 15.82
C ASP A 100 -10.25 -8.19 15.25
N GLU A 101 -9.12 -8.82 14.91
CA GLU A 101 -9.17 -10.13 14.26
C GLU A 101 -9.79 -11.18 15.18
N ARG A 102 -9.62 -11.04 16.49
CA ARG A 102 -10.12 -12.06 17.41
C ARG A 102 -11.64 -12.03 17.50
N THR A 103 -12.24 -10.85 17.58
CA THR A 103 -13.69 -10.76 17.65
C THR A 103 -14.31 -10.56 16.28
N ARG A 104 -13.50 -10.43 15.22
CA ARG A 104 -14.00 -10.36 13.84
C ARG A 104 -14.78 -9.05 13.61
N LYS A 105 -14.33 -7.96 14.23
CA LYS A 105 -15.04 -6.68 14.20
C LYS A 105 -14.25 -5.67 13.38
N VAL A 106 -14.99 -4.84 12.66
CA VAL A 106 -14.44 -3.72 11.89
C VAL A 106 -15.19 -2.47 12.33
N VAL A 107 -14.46 -1.37 12.53
CA VAL A 107 -15.06 -0.09 12.88
C VAL A 107 -14.72 0.91 11.78
N PHE A 108 -15.75 1.51 11.19
CA PHE A 108 -15.60 2.56 10.18
C PHE A 108 -16.16 3.87 10.72
N TYR A 109 -15.50 4.99 10.39
CA TYR A 109 -16.10 6.31 10.56
C TYR A 109 -16.48 6.83 9.18
N LEU A 110 -17.76 7.12 8.98
CA LEU A 110 -18.34 7.32 7.65
C LEU A 110 -18.90 8.72 7.47
N ALA A 111 -18.81 9.22 6.25
CA ALA A 111 -19.60 10.38 5.86
C ALA A 111 -20.86 9.88 5.18
N SER A 112 -22.00 10.50 5.47
CA SER A 112 -23.23 10.15 4.77
C SER A 112 -23.83 11.40 4.15
N ARG A 113 -24.27 11.29 2.92
CA ARG A 113 -24.85 12.38 2.17
C ARG A 113 -26.03 11.89 1.39
N GLY A 114 -27.09 12.68 1.36
CA GLY A 114 -28.28 12.30 0.62
C GLY A 114 -29.12 13.50 0.24
N ASP A 115 -29.90 13.30 -0.81
CA ASP A 115 -30.85 14.27 -1.31
C ASP A 115 -32.24 13.83 -0.88
N THR A 116 -32.99 14.74 -0.28
CA THR A 116 -34.16 14.43 0.52
C THR A 116 -35.33 15.32 0.08
N ILE A 117 -36.56 14.86 0.33
CA ILE A 117 -37.73 15.71 0.12
C ILE A 117 -37.75 16.92 1.03
N VAL A 118 -36.85 17.02 2.01
CA VAL A 118 -36.79 18.20 2.85
C VAL A 118 -35.39 18.79 2.80
N GLY A 119 -34.72 18.62 1.68
CA GLY A 119 -33.38 19.15 1.51
C GLY A 119 -32.29 18.14 1.83
N GLU A 120 -31.08 18.66 2.01
CA GLU A 120 -29.89 17.83 2.05
C GLU A 120 -29.77 17.08 3.38
N TRP A 121 -29.38 15.82 3.29
CA TRP A 121 -28.90 15.06 4.43
C TRP A 121 -27.37 15.06 4.40
N LYS A 122 -26.75 15.47 5.50
CA LYS A 122 -25.29 15.49 5.53
C LYS A 122 -24.87 15.24 6.96
N SER A 123 -24.22 14.11 7.22
CA SER A 123 -23.85 13.76 8.59
C SER A 123 -22.66 12.81 8.57
N GLU A 124 -22.26 12.38 9.75
CA GLU A 124 -21.22 11.39 9.90
C GLU A 124 -21.70 10.39 10.93
N CYS A 125 -21.22 9.15 10.79
CA CYS A 125 -21.64 8.10 11.71
C CYS A 125 -20.53 7.10 11.87
N ILE A 126 -20.61 6.35 12.97
CA ILE A 126 -19.67 5.28 13.24
C ILE A 126 -20.43 3.97 13.08
N PHE A 127 -19.86 3.07 12.28
CA PHE A 127 -20.43 1.75 12.03
C PHE A 127 -19.49 0.71 12.61
N ILE A 128 -20.03 -0.22 13.37
CA ILE A 128 -19.28 -1.37 13.87
C ILE A 128 -19.91 -2.60 13.26
N PHE A 129 -19.08 -3.43 12.60
CA PHE A 129 -19.49 -4.70 12.03
C PHE A 129 -18.83 -5.85 12.78
N GLN A 130 -19.59 -6.90 13.06
CA GLN A 130 -19.00 -8.18 13.43
C GLN A 130 -19.32 -9.19 12.34
N MET A 131 -18.28 -9.82 11.80
CA MET A 131 -18.44 -10.72 10.67
C MET A 131 -18.76 -12.14 11.15
N SER A 132 -19.35 -12.92 10.26
CA SER A 132 -19.51 -14.35 10.47
C SER A 132 -18.13 -14.99 10.68
N GLU A 133 -18.15 -16.25 11.11
CA GLU A 133 -16.90 -16.94 11.43
C GLU A 133 -16.01 -17.11 10.22
N ASP A 134 -16.59 -17.32 9.03
CA ASP A 134 -15.75 -17.40 7.84
C ASP A 134 -15.32 -16.03 7.33
N GLY A 135 -15.77 -14.94 7.96
CA GLY A 135 -15.33 -13.60 7.60
C GLY A 135 -15.99 -13.00 6.37
N LYS A 136 -16.92 -13.72 5.72
CA LYS A 136 -17.46 -13.31 4.42
C LYS A 136 -18.80 -12.58 4.52
N LEU A 137 -19.46 -12.54 5.68
CA LEU A 137 -20.74 -11.85 5.81
C LEU A 137 -20.76 -11.04 7.10
N VAL A 138 -21.64 -10.05 7.15
CA VAL A 138 -21.87 -9.25 8.35
C VAL A 138 -22.94 -9.96 9.16
N ASP A 139 -22.58 -10.35 10.40
CA ASP A 139 -23.49 -11.03 11.31
C ASP A 139 -24.10 -10.10 12.36
N ARG A 140 -23.47 -8.96 12.63
CA ARG A 140 -24.00 -8.02 13.60
C ARG A 140 -23.54 -6.60 13.28
N ILE A 141 -24.43 -5.63 13.44
CA ILE A 141 -24.13 -4.22 13.16
C ILE A 141 -24.52 -3.36 14.36
N TRP A 142 -23.63 -2.41 14.70
CA TRP A 142 -23.97 -1.34 15.63
C TRP A 142 -23.70 -0.01 14.93
N ALA A 143 -24.68 0.87 14.93
CA ALA A 143 -24.55 2.14 14.22
C ALA A 143 -24.73 3.29 15.20
N GLY A 144 -23.75 4.17 15.24
CA GLY A 144 -23.81 5.35 16.09
C GLY A 144 -23.92 6.61 15.28
N PHE A 145 -25.06 7.28 15.37
CA PHE A 145 -25.35 8.47 14.57
C PHE A 145 -25.19 9.72 15.42
N ASP A 146 -25.10 10.85 14.72
CA ASP A 146 -25.26 12.17 15.33
C ASP A 146 -26.73 12.35 15.67
N THR A 147 -27.09 12.19 16.96
CA THR A 147 -28.50 12.10 17.30
C THR A 147 -29.17 13.47 17.31
N ALA A 148 -28.43 14.53 17.63
CA ALA A 148 -29.00 15.86 17.50
C ALA A 148 -29.33 16.16 16.04
N TYR A 149 -28.42 15.80 15.14
CA TYR A 149 -28.71 16.00 13.72
C TYR A 149 -29.91 15.16 13.31
N MET A 150 -29.97 13.91 13.76
CA MET A 150 -31.12 13.09 13.41
C MET A 150 -32.43 13.71 13.92
N ASP A 151 -32.43 14.20 15.17
CA ASP A 151 -33.61 14.90 15.71
C ASP A 151 -34.01 16.07 14.82
N GLU A 152 -33.04 16.88 14.44
CA GLU A 152 -33.37 18.04 13.63
C GLU A 152 -33.89 17.61 12.25
N PHE A 153 -33.38 16.50 11.72
CA PHE A 153 -33.87 16.06 10.40
C PHE A 153 -35.33 15.62 10.49
N GLU A 154 -35.66 14.82 11.52
CA GLU A 154 -37.05 14.46 11.79
C GLU A 154 -37.94 15.69 11.98
N SER A 155 -37.42 16.72 12.63
CA SER A 155 -38.21 17.95 12.76
C SER A 155 -38.41 18.64 11.40
N ARG A 156 -37.46 18.50 10.47
CA ARG A 156 -37.71 18.99 9.11
C ARG A 156 -38.85 18.23 8.45
N LEU A 157 -38.95 16.92 8.72
CA LEU A 157 -40.05 16.13 8.20
C LEU A 157 -41.37 16.49 8.85
N ASP A 158 -41.37 16.86 10.14
CA ASP A 158 -42.60 17.25 10.84
C ASP A 158 -43.25 18.49 10.21
N GLY A 159 -42.53 19.22 9.36
CA GLY A 159 -43.12 20.37 8.71
C GLY A 159 -43.82 20.07 7.40
N ILE A 160 -44.99 19.42 7.47
CA ILE A 160 -45.85 19.24 6.29
C ILE A 160 -47.30 19.12 6.76
N PRO B 23 4.84 7.61 2.05
CA PRO B 23 3.41 7.52 2.40
C PRO B 23 2.85 6.12 2.22
N THR B 24 2.01 5.72 3.15
CA THR B 24 1.48 4.37 3.12
C THR B 24 0.34 4.25 2.11
N ARG B 25 -0.12 3.01 1.91
CA ARG B 25 -1.26 2.77 1.03
C ARG B 25 -2.50 3.51 1.51
N GLU B 26 -2.78 3.46 2.82
CA GLU B 26 -3.93 4.17 3.35
C GLU B 26 -3.78 5.68 3.21
N ASP B 27 -2.54 6.19 3.32
CA ASP B 27 -2.30 7.62 3.18
C ASP B 27 -2.66 8.09 1.77
N LEU B 28 -2.21 7.35 0.77
CA LEU B 28 -2.48 7.70 -0.63
C LEU B 28 -3.98 7.70 -0.93
N VAL B 29 -4.68 6.65 -0.51
CA VAL B 29 -6.13 6.56 -0.74
C VAL B 29 -6.87 7.66 0.01
N ALA B 30 -6.40 7.99 1.22
CA ALA B 30 -7.10 9.03 1.98
C ALA B 30 -7.07 10.35 1.22
N THR B 31 -5.97 10.66 0.56
CA THR B 31 -5.91 11.87 -0.24
C THR B 31 -6.86 11.78 -1.44
N ALA B 32 -6.85 10.63 -2.12
CA ALA B 32 -7.78 10.48 -3.24
C ALA B 32 -9.23 10.59 -2.76
N LYS B 33 -9.53 10.00 -1.59
CA LYS B 33 -10.87 10.11 -1.01
C LYS B 33 -11.21 11.57 -0.70
N LEU B 34 -10.27 12.31 -0.11
CA LEU B 34 -10.50 13.73 0.16
C LEU B 34 -10.74 14.50 -1.12
N PHE B 35 -9.97 14.20 -2.18
CA PHE B 35 -10.20 14.90 -3.44
C PHE B 35 -11.63 14.72 -3.91
N ILE B 36 -12.17 13.51 -3.74
CA ILE B 36 -13.53 13.22 -4.21
C ILE B 36 -14.55 13.91 -3.31
N ALA B 37 -14.30 13.93 -1.99
CA ALA B 37 -15.23 14.58 -1.08
C ALA B 37 -15.33 16.06 -1.39
N LYS B 38 -14.18 16.72 -1.60
CA LYS B 38 -14.22 18.13 -1.96
C LYS B 38 -14.78 18.33 -3.37
N TYR B 39 -14.44 17.42 -4.28
CA TYR B 39 -15.00 17.51 -5.63
C TYR B 39 -16.53 17.56 -5.58
N ASN B 40 -17.13 16.83 -4.63
CA ASN B 40 -18.59 16.76 -4.52
C ASN B 40 -19.21 18.07 -4.01
N GLU B 41 -18.42 18.97 -3.41
CA GLU B 41 -18.93 20.31 -3.12
C GLU B 41 -19.08 21.14 -4.38
N PHE B 42 -18.34 20.79 -5.42
CA PHE B 42 -18.48 21.30 -6.78
C PHE B 42 -18.53 22.83 -6.85
N THR B 43 -17.47 23.45 -6.35
CA THR B 43 -17.18 24.86 -6.56
C THR B 43 -15.77 24.98 -7.11
N PRO B 44 -15.45 26.09 -7.77
CA PRO B 44 -14.06 26.30 -8.21
C PRO B 44 -13.05 26.10 -7.09
N GLU B 45 -13.32 26.63 -5.90
CA GLU B 45 -12.36 26.51 -4.81
C GLU B 45 -12.22 25.07 -4.35
N SER B 46 -13.33 24.33 -4.30
CA SER B 46 -13.27 22.98 -3.73
C SER B 46 -12.55 22.01 -4.66
N ILE B 47 -12.70 22.17 -5.97
CA ILE B 47 -12.08 21.23 -6.91
C ILE B 47 -10.58 21.45 -7.05
N ILE B 48 -10.03 22.57 -6.56
CA ILE B 48 -8.59 22.73 -6.49
C ILE B 48 -8.03 22.46 -5.10
N SER B 49 -8.89 22.32 -4.09
CA SER B 49 -8.39 22.31 -2.71
C SER B 49 -7.50 21.13 -2.39
N VAL B 50 -7.46 20.10 -3.24
CA VAL B 50 -6.60 18.96 -2.92
C VAL B 50 -5.57 18.71 -4.02
N ARG B 51 -5.26 19.72 -4.81
CA ARG B 51 -4.29 19.60 -5.89
C ARG B 51 -3.09 20.52 -5.64
N THR B 52 -1.93 20.05 -6.07
CA THR B 52 -0.76 20.92 -6.14
C THR B 52 -1.00 22.04 -7.15
N PRO B 53 -0.37 23.20 -6.95
CA PRO B 53 -0.67 24.35 -7.82
C PRO B 53 -0.31 24.11 -9.28
N ASN B 54 0.71 23.29 -9.56
CA ASN B 54 1.17 23.03 -10.91
C ASN B 54 0.59 21.75 -11.50
N SER B 55 -0.41 21.16 -10.85
CA SER B 55 -0.91 19.88 -11.31
C SER B 55 -1.72 20.06 -12.59
N VAL B 56 -1.72 19.04 -13.42
CA VAL B 56 -2.51 19.02 -14.65
C VAL B 56 -3.46 17.83 -14.62
N SER B 57 -4.66 18.04 -15.17
CA SER B 57 -5.67 17.00 -15.30
C SER B 57 -5.82 16.63 -16.77
N HIS B 58 -5.58 15.36 -17.11
CA HIS B 58 -5.64 14.84 -18.47
C HIS B 58 -6.96 14.09 -18.70
N ARG B 59 -7.29 13.90 -19.97
CA ARG B 59 -8.42 13.07 -20.35
C ARG B 59 -7.91 11.93 -21.23
N LEU B 60 -8.18 10.70 -20.81
CA LEU B 60 -7.80 9.54 -21.61
C LEU B 60 -8.65 9.48 -22.88
N PHE B 61 -8.22 8.63 -23.81
CA PHE B 61 -8.99 8.39 -25.05
C PHE B 61 -8.88 9.59 -25.98
N PRO B 62 -8.46 9.39 -27.22
CA PRO B 62 -8.28 10.52 -28.14
C PRO B 62 -9.53 11.33 -28.40
N THR B 63 -10.73 10.76 -28.18
CA THR B 63 -11.97 11.42 -28.62
C THR B 63 -12.10 12.83 -28.03
N ASN B 65 -10.04 14.59 -25.94
CA ASN B 65 -8.78 14.82 -25.24
C ASN B 65 -8.63 16.29 -24.85
N ALA B 66 -8.04 16.52 -23.68
CA ALA B 66 -7.91 17.85 -23.10
C ALA B 66 -6.98 17.80 -21.89
N THR B 67 -6.35 18.93 -21.60
CA THR B 67 -5.39 19.07 -20.52
C THR B 67 -5.69 20.37 -19.80
N ARG B 68 -5.86 20.30 -18.48
CA ARG B 68 -6.28 21.47 -17.72
C ARG B 68 -5.35 21.68 -16.53
N ASN B 69 -4.76 22.87 -16.45
CA ASN B 69 -4.06 23.30 -15.24
C ASN B 69 -5.13 23.79 -14.25
N ILE B 70 -4.68 24.43 -13.17
CA ILE B 70 -5.60 24.78 -12.09
C ILE B 70 -6.60 25.82 -12.55
N GLY B 71 -6.12 26.88 -13.20
CA GLY B 71 -7.03 27.94 -13.63
C GLY B 71 -8.06 27.44 -14.65
N GLU B 72 -7.62 26.57 -15.57
CA GLU B 72 -8.54 26.00 -16.55
C GLU B 72 -9.58 25.07 -15.91
N SER B 73 -9.21 24.37 -14.82
CA SER B 73 -10.18 23.54 -14.12
C SER B 73 -11.20 24.40 -13.39
N MET B 74 -10.75 25.48 -12.74
CA MET B 74 -11.68 26.40 -12.10
C MET B 74 -12.66 27.01 -13.10
N GLU B 75 -12.18 27.38 -14.28
CA GLU B 75 -13.07 27.97 -15.28
C GLU B 75 -14.07 26.94 -15.79
N ALA B 76 -13.59 25.73 -16.09
CA ALA B 76 -14.49 24.65 -16.50
C ALA B 76 -15.54 24.37 -15.43
N CYS B 77 -15.14 24.34 -14.16
CA CYS B 77 -16.10 24.12 -13.08
C CYS B 77 -17.15 25.24 -13.07
N ALA B 78 -16.71 26.49 -13.16
CA ALA B 78 -17.67 27.59 -13.13
C ALA B 78 -18.62 27.53 -14.32
N ASN B 79 -18.13 27.09 -15.48
CA ASN B 79 -19.00 26.89 -16.64
C ASN B 79 -19.97 25.73 -16.41
N ALA B 80 -19.45 24.59 -15.91
CA ALA B 80 -20.30 23.43 -15.66
C ALA B 80 -21.41 23.74 -14.66
N LYS B 81 -21.18 24.67 -13.73
CA LYS B 81 -22.22 25.02 -12.77
C LYS B 81 -23.41 25.71 -13.44
N GLU B 82 -23.28 26.19 -14.67
CA GLU B 82 -24.45 26.72 -15.37
C GLU B 82 -25.28 25.61 -15.99
N VAL B 83 -24.71 24.44 -16.15
CA VAL B 83 -25.37 23.30 -16.76
C VAL B 83 -25.79 22.27 -15.72
N PHE B 84 -24.93 22.00 -14.72
CA PHE B 84 -25.22 21.02 -13.67
C PHE B 84 -25.77 21.74 -12.45
N LYS B 85 -27.02 21.42 -12.08
CA LYS B 85 -27.56 21.97 -10.84
C LYS B 85 -26.99 21.22 -9.64
N SER B 86 -26.73 19.93 -9.80
CA SER B 86 -26.17 19.11 -8.74
C SER B 86 -25.24 18.08 -9.36
N LEU B 87 -24.43 17.47 -8.51
CA LEU B 87 -23.51 16.42 -8.95
C LEU B 87 -23.13 15.57 -7.75
N THR B 88 -23.04 14.26 -7.97
CA THR B 88 -22.58 13.30 -6.98
C THR B 88 -21.61 12.35 -7.67
N VAL B 89 -20.41 12.24 -7.13
CA VAL B 89 -19.37 11.31 -7.58
C VAL B 89 -19.06 10.37 -6.41
N SER B 90 -19.06 9.06 -6.67
CA SER B 90 -18.78 8.14 -5.58
C SER B 90 -18.02 6.91 -6.05
N VAL B 91 -17.23 6.37 -5.15
CA VAL B 91 -16.46 5.16 -5.43
C VAL B 91 -17.42 3.97 -5.40
N ILE B 92 -17.54 3.27 -6.54
CA ILE B 92 -18.52 2.19 -6.62
C ILE B 92 -18.21 1.09 -5.60
N ASP B 93 -16.94 0.65 -5.51
CA ASP B 93 -16.58 -0.38 -4.52
C ASP B 93 -15.12 -0.19 -4.08
N ASP B 94 -14.89 0.18 -2.81
CA ASP B 94 -13.52 0.39 -2.31
C ASP B 94 -12.60 -0.83 -2.53
N ASN B 95 -13.17 -2.05 -2.56
CA ASN B 95 -12.35 -3.24 -2.80
C ASN B 95 -11.73 -3.25 -4.20
N ASP B 96 -12.30 -2.50 -5.14
CA ASP B 96 -11.77 -2.42 -6.50
C ASP B 96 -10.71 -1.32 -6.65
N THR B 97 -10.49 -0.54 -5.60
CA THR B 97 -9.49 0.52 -5.69
C THR B 97 -8.10 -0.07 -5.85
N ILE B 98 -7.28 0.57 -6.68
CA ILE B 98 -5.94 0.11 -7.03
C ILE B 98 -4.95 1.14 -6.51
N VAL B 99 -3.88 0.68 -5.86
CA VAL B 99 -2.92 1.59 -5.23
C VAL B 99 -1.51 1.11 -5.54
N ASP B 100 -0.67 2.01 -6.07
CA ASP B 100 0.73 1.73 -6.39
C ASP B 100 1.57 2.61 -5.47
N GLU B 101 2.01 2.03 -4.37
CA GLU B 101 2.82 2.75 -3.39
C GLU B 101 4.08 3.35 -4.00
N ARG B 102 4.68 2.67 -4.99
CA ARG B 102 5.95 3.14 -5.53
C ARG B 102 5.79 4.37 -6.41
N THR B 103 4.79 4.36 -7.30
CA THR B 103 4.54 5.54 -8.12
C THR B 103 3.57 6.52 -7.47
N ARG B 104 3.02 6.19 -6.30
CA ARG B 104 2.11 7.07 -5.55
C ARG B 104 0.79 7.28 -6.30
N LYS B 105 0.29 6.23 -6.93
CA LYS B 105 -0.87 6.33 -7.81
C LYS B 105 -2.05 5.59 -7.22
N VAL B 106 -3.25 6.14 -7.43
CA VAL B 106 -4.49 5.54 -6.94
C VAL B 106 -5.48 5.52 -8.10
N VAL B 107 -6.22 4.43 -8.24
CA VAL B 107 -7.22 4.30 -9.29
C VAL B 107 -8.58 4.06 -8.64
N PHE B 108 -9.51 4.97 -8.88
CA PHE B 108 -10.91 4.85 -8.52
C PHE B 108 -11.75 4.53 -9.76
N TYR B 109 -12.79 3.73 -9.59
CA TYR B 109 -13.83 3.59 -10.62
C TYR B 109 -15.12 4.12 -10.01
N LEU B 110 -15.65 5.18 -10.62
CA LEU B 110 -16.63 6.06 -9.97
C LEU B 110 -17.95 6.06 -10.71
N ALA B 111 -19.02 6.20 -9.94
CA ALA B 111 -20.34 6.52 -10.46
C ALA B 111 -20.57 8.03 -10.36
N SER B 112 -21.03 8.65 -11.44
CA SER B 112 -21.35 10.08 -11.40
C SER B 112 -22.82 10.26 -11.74
N ARG B 113 -23.46 11.22 -11.05
CA ARG B 113 -24.90 11.39 -11.19
C ARG B 113 -25.20 12.85 -10.92
N GLY B 114 -25.92 13.48 -11.84
CA GLY B 114 -26.24 14.89 -11.70
C GLY B 114 -27.58 15.29 -12.29
N ASP B 115 -28.11 16.39 -11.78
CA ASP B 115 -29.30 17.04 -12.34
C ASP B 115 -28.85 18.24 -13.15
N THR B 116 -29.27 18.32 -14.42
CA THR B 116 -28.77 19.33 -15.33
C THR B 116 -29.93 20.01 -16.03
N ILE B 117 -29.59 21.03 -16.82
CA ILE B 117 -30.57 21.79 -17.58
C ILE B 117 -31.06 21.04 -18.82
N VAL B 118 -30.49 19.87 -19.12
CA VAL B 118 -31.07 19.05 -20.20
C VAL B 118 -31.39 17.64 -19.70
N GLY B 119 -31.70 17.51 -18.43
CA GLY B 119 -32.10 16.24 -17.83
C GLY B 119 -31.02 15.59 -16.99
N GLU B 120 -31.18 14.30 -16.78
CA GLU B 120 -30.30 13.58 -15.87
C GLU B 120 -28.95 13.27 -16.49
N TRP B 121 -27.90 13.41 -15.70
CA TRP B 121 -26.58 12.91 -16.04
C TRP B 121 -26.35 11.67 -15.19
N LYS B 122 -25.93 10.58 -15.82
CA LYS B 122 -25.70 9.34 -15.09
C LYS B 122 -24.67 8.55 -15.88
N SER B 123 -23.52 8.28 -15.26
CA SER B 123 -22.42 7.66 -15.99
C SER B 123 -21.45 7.03 -14.99
N GLU B 124 -20.34 6.51 -15.51
CA GLU B 124 -19.26 5.98 -14.70
C GLU B 124 -17.95 6.43 -15.33
N CYS B 125 -16.92 6.56 -14.50
CA CYS B 125 -15.65 6.99 -15.04
C CYS B 125 -14.50 6.42 -14.21
N ILE B 126 -13.33 6.37 -14.83
CA ILE B 126 -12.11 5.92 -14.21
C ILE B 126 -11.26 7.15 -13.93
N PHE B 127 -10.82 7.31 -12.69
CA PHE B 127 -9.97 8.41 -12.26
C PHE B 127 -8.65 7.83 -11.79
N ILE B 128 -7.54 8.31 -12.33
CA ILE B 128 -6.21 7.94 -11.87
C ILE B 128 -5.56 9.17 -11.26
N PHE B 129 -5.06 9.02 -10.03
CA PHE B 129 -4.36 10.10 -9.33
C PHE B 129 -2.90 9.73 -9.14
N GLN B 130 -2.01 10.70 -9.27
CA GLN B 130 -0.66 10.59 -8.74
C GLN B 130 -0.47 11.66 -7.68
N MET B 131 -0.07 11.23 -6.49
CA MET B 131 0.03 12.14 -5.35
C MET B 131 1.40 12.80 -5.29
N SER B 132 1.46 13.93 -4.58
CA SER B 132 2.73 14.56 -4.29
C SER B 132 3.64 13.59 -3.54
N GLU B 133 4.90 13.98 -3.36
CA GLU B 133 5.87 13.07 -2.74
C GLU B 133 5.51 12.77 -1.28
N ASP B 134 4.93 13.76 -0.57
CA ASP B 134 4.47 13.51 0.79
C ASP B 134 3.13 12.81 0.86
N GLY B 135 2.52 12.48 -0.29
CA GLY B 135 1.28 11.73 -0.33
C GLY B 135 0.03 12.55 -0.04
N LYS B 136 0.16 13.82 0.33
CA LYS B 136 -0.96 14.59 0.83
C LYS B 136 -1.72 15.37 -0.25
N LEU B 137 -1.22 15.44 -1.48
CA LEU B 137 -1.88 16.24 -2.50
C LEU B 137 -1.87 15.49 -3.81
N VAL B 138 -2.83 15.82 -4.67
CA VAL B 138 -2.94 15.23 -6.00
C VAL B 138 -2.09 16.06 -6.95
N ASP B 139 -1.05 15.44 -7.50
CA ASP B 139 -0.12 16.15 -8.36
C ASP B 139 -0.47 16.01 -9.84
N ARG B 140 -1.15 14.93 -10.20
CA ARG B 140 -1.57 14.71 -11.58
C ARG B 140 -2.83 13.85 -11.57
N ILE B 141 -3.71 14.11 -12.54
CA ILE B 141 -4.97 13.39 -12.70
C ILE B 141 -5.12 12.92 -14.15
N TRP B 142 -5.59 11.70 -14.34
CA TRP B 142 -6.09 11.26 -15.64
C TRP B 142 -7.51 10.75 -15.45
N ALA B 143 -8.41 11.15 -16.37
CA ALA B 143 -9.83 10.82 -16.26
C ALA B 143 -10.28 10.09 -17.50
N GLY B 144 -10.75 8.87 -17.35
CA GLY B 144 -11.33 8.16 -18.47
C GLY B 144 -12.84 8.14 -18.40
N PHE B 145 -13.52 8.81 -19.33
CA PHE B 145 -14.97 8.91 -19.38
C PHE B 145 -15.55 7.93 -20.39
N ASP B 146 -16.87 7.69 -20.25
CA ASP B 146 -17.68 7.02 -21.27
C ASP B 146 -17.89 8.02 -22.42
N THR B 147 -17.08 7.91 -23.47
CA THR B 147 -17.06 9.01 -24.44
C THR B 147 -18.31 9.02 -25.32
N ALA B 148 -18.94 7.86 -25.57
CA ALA B 148 -20.23 7.88 -26.26
C ALA B 148 -21.28 8.56 -25.42
N TYR B 149 -21.29 8.30 -24.11
CA TYR B 149 -22.24 9.01 -23.24
C TYR B 149 -21.96 10.50 -23.24
N MET B 150 -20.70 10.88 -23.21
CA MET B 150 -20.32 12.29 -23.26
C MET B 150 -20.82 12.94 -24.55
N ASP B 151 -20.56 12.28 -25.67
CA ASP B 151 -21.01 12.81 -26.97
C ASP B 151 -22.51 12.98 -27.00
N GLU B 152 -23.24 12.00 -26.44
CA GLU B 152 -24.69 12.14 -26.38
C GLU B 152 -25.09 13.30 -25.49
N PHE B 153 -24.38 13.51 -24.38
CA PHE B 153 -24.77 14.60 -23.51
C PHE B 153 -24.54 15.95 -24.17
N GLU B 154 -23.42 16.10 -24.87
CA GLU B 154 -23.15 17.34 -25.59
C GLU B 154 -24.17 17.59 -26.70
N SER B 155 -24.68 16.53 -27.33
CA SER B 155 -25.73 16.75 -28.31
C SER B 155 -27.06 17.09 -27.64
N ARG B 156 -27.29 16.58 -26.41
CA ARG B 156 -28.41 17.10 -25.65
C ARG B 156 -28.23 18.59 -25.38
N LEU B 157 -27.01 19.01 -25.10
CA LEU B 157 -26.72 20.41 -24.81
C LEU B 157 -26.92 21.30 -26.03
N ASP B 158 -26.67 20.76 -27.23
CA ASP B 158 -26.92 21.48 -28.48
C ASP B 158 -28.41 21.58 -28.81
N GLY B 159 -29.29 21.04 -27.98
CA GLY B 159 -30.73 21.22 -28.14
C GLY B 159 -31.39 21.85 -26.92
N ILE B 160 -30.69 22.76 -26.23
CA ILE B 160 -31.29 23.44 -25.09
C ILE B 160 -32.50 24.23 -25.59
N THR B 161 -33.50 24.37 -24.71
CA THR B 161 -34.77 24.97 -25.08
C THR B 161 -35.15 26.06 -24.07
N PHE B 162 -36.14 26.86 -24.45
CA PHE B 162 -36.56 28.01 -23.64
C PHE B 162 -37.82 28.66 -24.22
N PRO C 23 2.98 -4.18 22.17
CA PRO C 23 2.19 -4.48 23.36
C PRO C 23 1.04 -5.44 23.08
N THR C 24 0.70 -6.25 24.08
CA THR C 24 -0.33 -7.28 23.94
C THR C 24 -1.73 -6.68 23.99
N ARG C 25 -2.70 -7.49 23.57
CA ARG C 25 -4.10 -7.10 23.71
C ARG C 25 -4.42 -6.72 25.16
N GLU C 26 -3.91 -7.52 26.11
CA GLU C 26 -4.20 -7.27 27.53
C GLU C 26 -3.53 -5.99 28.02
N ASP C 27 -2.30 -5.74 27.60
CA ASP C 27 -1.65 -4.47 27.91
C ASP C 27 -2.51 -3.30 27.44
N LEU C 28 -3.01 -3.37 26.21
CA LEU C 28 -3.73 -2.22 25.66
C LEU C 28 -5.00 -1.96 26.43
N VAL C 29 -5.75 -3.02 26.75
CA VAL C 29 -6.99 -2.83 27.50
C VAL C 29 -6.67 -2.34 28.91
N ALA C 30 -5.54 -2.78 29.46
CA ALA C 30 -5.19 -2.39 30.83
C ALA C 30 -4.96 -0.88 30.89
N THR C 31 -4.21 -0.34 29.93
CA THR C 31 -3.96 1.10 29.92
C THR C 31 -5.25 1.88 29.70
N ALA C 32 -6.14 1.36 28.83
CA ALA C 32 -7.43 2.03 28.64
C ALA C 32 -8.25 2.01 29.92
N LYS C 33 -8.23 0.90 30.67
CA LYS C 33 -9.00 0.89 31.90
C LYS C 33 -8.38 1.78 32.96
N LEU C 34 -7.06 1.96 32.93
CA LEU C 34 -6.43 2.92 33.83
C LEU C 34 -6.85 4.34 33.48
N PHE C 35 -6.88 4.66 32.18
CA PHE C 35 -7.39 5.97 31.75
C PHE C 35 -8.79 6.20 32.30
N ILE C 36 -9.67 5.20 32.17
CA ILE C 36 -11.04 5.35 32.65
C ILE C 36 -11.05 5.58 34.16
N ALA C 37 -10.25 4.83 34.89
CA ALA C 37 -10.21 4.99 36.35
C ALA C 37 -9.77 6.39 36.74
N LYS C 38 -8.67 6.88 36.15
CA LYS C 38 -8.25 8.24 36.45
C LYS C 38 -9.28 9.27 35.99
N TYR C 39 -9.93 9.00 34.86
CA TYR C 39 -10.94 9.93 34.35
C TYR C 39 -12.11 10.07 35.31
N ASN C 40 -12.48 8.98 35.99
CA ASN C 40 -13.56 9.03 36.97
C ASN C 40 -13.18 9.87 38.20
N GLU C 41 -11.87 10.03 38.47
CA GLU C 41 -11.45 11.00 39.49
C GLU C 41 -11.71 12.42 39.02
N PHE C 42 -11.73 12.64 37.72
CA PHE C 42 -12.22 13.87 37.10
C PHE C 42 -11.64 15.14 37.72
N THR C 43 -10.31 15.23 37.74
CA THR C 43 -9.63 16.49 38.00
C THR C 43 -8.79 16.83 36.79
N PRO C 44 -8.50 18.11 36.57
CA PRO C 44 -7.63 18.47 35.42
C PRO C 44 -6.37 17.63 35.34
N GLU C 45 -5.78 17.29 36.49
CA GLU C 45 -4.56 16.47 36.52
C GLU C 45 -4.86 15.00 36.24
N SER C 46 -5.89 14.45 36.86
CA SER C 46 -6.16 13.01 36.69
C SER C 46 -6.50 12.67 35.23
N ILE C 47 -7.26 13.54 34.55
CA ILE C 47 -7.72 13.22 33.20
C ILE C 47 -6.62 13.34 32.15
N ILE C 48 -5.50 13.98 32.46
CA ILE C 48 -4.32 13.91 31.59
C ILE C 48 -3.26 12.97 32.16
N SER C 49 -3.49 12.41 33.34
CA SER C 49 -2.61 11.49 34.03
C SER C 49 -2.03 10.41 33.13
N VAL C 50 -2.83 9.92 32.18
CA VAL C 50 -2.49 8.73 31.44
C VAL C 50 -2.30 9.04 29.97
N ARG C 51 -2.10 10.31 29.62
CA ARG C 51 -1.93 10.74 28.24
C ARG C 51 -0.49 11.18 27.98
N THR C 52 -0.05 10.99 26.73
CA THR C 52 1.23 11.50 26.32
C THR C 52 1.18 13.02 26.23
N PRO C 53 2.35 13.68 26.20
CA PRO C 53 2.35 15.15 26.16
C PRO C 53 1.75 15.73 24.89
N ASN C 54 1.99 15.09 23.74
CA ASN C 54 1.45 15.56 22.47
C ASN C 54 0.09 14.95 22.14
N SER C 55 -0.49 14.18 23.06
CA SER C 55 -1.77 13.53 22.81
C SER C 55 -2.86 14.55 22.45
N VAL C 56 -3.80 14.13 21.61
CA VAL C 56 -4.94 14.95 21.22
C VAL C 56 -6.24 14.20 21.48
N SER C 57 -7.26 14.94 21.90
CA SER C 57 -8.58 14.40 22.22
C SER C 57 -9.59 14.93 21.19
N HIS C 58 -10.22 14.03 20.46
CA HIS C 58 -11.22 14.40 19.47
C HIS C 58 -12.63 14.03 19.95
N ARG C 59 -13.59 14.90 19.63
CA ARG C 59 -15.02 14.60 19.76
C ARG C 59 -15.57 14.28 18.38
N LEU C 60 -16.27 13.16 18.28
CA LEU C 60 -16.83 12.74 17.00
C LEU C 60 -18.14 13.49 16.70
N PHE C 61 -18.59 13.41 15.46
CA PHE C 61 -19.86 13.96 15.00
C PHE C 61 -19.78 15.46 14.75
N PRO C 62 -20.33 15.91 13.63
CA PRO C 62 -20.28 17.34 13.28
C PRO C 62 -20.89 18.27 14.32
N THR C 63 -21.95 17.87 15.05
CA THR C 63 -22.64 18.81 15.94
C THR C 63 -21.80 19.17 17.18
N ARG C 64 -20.87 18.30 17.58
CA ARG C 64 -20.05 18.59 18.74
C ARG C 64 -18.57 18.50 18.43
N ASN C 65 -18.21 18.66 17.16
CA ASN C 65 -16.82 18.60 16.71
C ASN C 65 -15.90 19.39 17.65
N ALA C 66 -14.75 18.80 17.98
CA ALA C 66 -13.80 19.45 18.89
C ALA C 66 -12.51 18.64 18.96
N THR C 67 -11.39 19.35 19.10
CA THR C 67 -10.06 18.76 19.27
C THR C 67 -9.32 19.48 20.39
N ARG C 68 -8.79 18.73 21.35
CA ARG C 68 -8.22 19.32 22.55
C ARG C 68 -6.87 18.69 22.86
N ASN C 69 -5.83 19.52 22.91
CA ASN C 69 -4.54 19.05 23.39
C ASN C 69 -4.59 18.99 24.92
N ILE C 70 -3.45 18.68 25.52
CA ILE C 70 -3.40 18.43 26.96
C ILE C 70 -3.90 19.64 27.74
N GLY C 71 -3.53 20.85 27.31
CA GLY C 71 -3.89 22.03 28.07
C GLY C 71 -5.36 22.38 27.95
N GLU C 72 -5.93 22.18 26.76
CA GLU C 72 -7.35 22.43 26.58
C GLU C 72 -8.20 21.38 27.29
N SER C 73 -7.68 20.16 27.44
CA SER C 73 -8.42 19.12 28.14
C SER C 73 -8.53 19.45 29.61
N MET C 74 -7.43 19.93 30.21
CA MET C 74 -7.46 20.36 31.60
C MET C 74 -8.47 21.49 31.82
N GLU C 75 -8.35 22.55 31.01
CA GLU C 75 -9.30 23.66 31.10
C GLU C 75 -10.74 23.18 30.93
N ALA C 76 -10.98 22.32 29.93
CA ALA C 76 -12.33 21.81 29.73
C ALA C 76 -12.84 21.10 30.97
N CYS C 77 -11.99 20.27 31.58
CA CYS C 77 -12.40 19.55 32.78
C CYS C 77 -12.67 20.51 33.94
N ALA C 78 -11.89 21.57 34.06
CA ALA C 78 -12.12 22.52 35.15
C ALA C 78 -13.48 23.17 35.00
N ASN C 79 -13.82 23.60 33.78
CA ASN C 79 -15.15 24.15 33.54
C ASN C 79 -16.23 23.11 33.81
N ALA C 80 -16.05 21.88 33.30
CA ALA C 80 -17.07 20.87 33.51
C ALA C 80 -17.28 20.59 35.00
N LYS C 81 -16.22 20.70 35.80
CA LYS C 81 -16.36 20.42 37.24
C LYS C 81 -17.33 21.40 37.90
N GLU C 82 -17.44 22.62 37.38
CA GLU C 82 -18.45 23.55 37.89
C GLU C 82 -19.85 22.97 37.77
N VAL C 83 -20.08 22.10 36.79
CA VAL C 83 -21.39 21.54 36.54
C VAL C 83 -21.50 20.13 37.10
N PHE C 84 -20.45 19.33 36.93
CA PHE C 84 -20.45 17.91 37.30
C PHE C 84 -19.81 17.77 38.67
N LYS C 85 -20.61 17.34 39.65
CA LYS C 85 -20.07 17.16 40.99
C LYS C 85 -19.30 15.85 41.10
N SER C 86 -19.82 14.78 40.49
CA SER C 86 -19.09 13.53 40.37
C SER C 86 -19.51 12.83 39.08
N LEU C 87 -18.62 11.98 38.57
CA LEU C 87 -18.82 11.29 37.31
C LEU C 87 -18.28 9.88 37.41
N THR C 88 -19.03 8.93 36.86
CA THR C 88 -18.59 7.55 36.74
C THR C 88 -18.92 7.09 35.32
N VAL C 89 -17.89 6.82 34.51
CA VAL C 89 -18.06 6.08 33.25
C VAL C 89 -17.57 4.67 33.49
N SER C 90 -18.32 3.70 32.99
CA SER C 90 -17.99 2.29 33.14
C SER C 90 -18.26 1.54 31.83
N VAL C 91 -17.37 0.58 31.53
CA VAL C 91 -17.59 -0.33 30.40
C VAL C 91 -18.88 -1.10 30.64
N ILE C 92 -19.77 -1.07 29.66
CA ILE C 92 -21.05 -1.75 29.87
C ILE C 92 -20.88 -3.26 29.78
N ASP C 93 -20.06 -3.76 28.85
CA ASP C 93 -19.84 -5.19 28.74
C ASP C 93 -18.44 -5.43 28.20
N ASP C 94 -17.57 -6.01 29.05
CA ASP C 94 -16.22 -6.28 28.61
C ASP C 94 -16.14 -7.19 27.39
N ASN C 95 -17.19 -7.98 27.13
CA ASN C 95 -17.18 -8.82 25.93
C ASN C 95 -17.41 -8.01 24.66
N ASP C 96 -17.90 -6.78 24.78
CA ASP C 96 -18.14 -5.90 23.63
C ASP C 96 -16.92 -5.07 23.26
N THR C 97 -15.86 -5.12 24.05
CA THR C 97 -14.67 -4.32 23.81
C THR C 97 -13.96 -4.79 22.54
N ILE C 98 -13.48 -3.82 21.77
CA ILE C 98 -12.81 -4.05 20.50
C ILE C 98 -11.36 -3.65 20.68
N VAL C 99 -10.43 -4.52 20.28
CA VAL C 99 -9.01 -4.24 20.42
C VAL C 99 -8.32 -4.52 19.09
N ASP C 100 -7.56 -3.54 18.58
CA ASP C 100 -6.77 -3.66 17.35
C ASP C 100 -5.28 -3.60 17.73
N GLU C 101 -4.62 -4.75 17.77
CA GLU C 101 -3.21 -4.76 18.20
C GLU C 101 -2.31 -4.08 17.18
N ARG C 102 -2.63 -4.14 15.89
CA ARG C 102 -1.76 -3.48 14.92
C ARG C 102 -1.73 -1.98 15.12
N THR C 103 -2.91 -1.36 15.31
CA THR C 103 -2.99 0.08 15.40
C THR C 103 -3.01 0.56 16.86
N ARG C 104 -3.02 -0.38 17.81
CA ARG C 104 -2.94 -0.09 19.25
C ARG C 104 -4.17 0.65 19.74
N LYS C 105 -5.33 0.26 19.23
CA LYS C 105 -6.57 0.93 19.56
C LYS C 105 -7.47 0.03 20.40
N VAL C 106 -8.19 0.65 21.34
CA VAL C 106 -9.21 -0.01 22.15
C VAL C 106 -10.50 0.79 22.04
N VAL C 107 -11.62 0.09 21.88
CA VAL C 107 -12.93 0.73 21.79
C VAL C 107 -13.75 0.28 22.99
N PHE C 108 -14.28 1.23 23.74
CA PHE C 108 -15.18 0.96 24.85
C PHE C 108 -16.54 1.56 24.54
N TYR C 109 -17.60 0.82 24.83
CA TYR C 109 -18.94 1.40 24.89
C TYR C 109 -19.33 1.55 26.35
N LEU C 110 -19.52 2.79 26.79
CA LEU C 110 -19.53 3.13 28.21
C LEU C 110 -20.88 3.70 28.63
N ALA C 111 -21.28 3.41 29.85
CA ALA C 111 -22.34 4.16 30.51
C ALA C 111 -21.72 5.34 31.23
N SER C 112 -22.36 6.50 31.14
CA SER C 112 -21.90 7.68 31.87
C SER C 112 -22.99 8.11 32.85
N ARG C 113 -22.60 8.24 34.11
CA ARG C 113 -23.49 8.61 35.19
C ARG C 113 -22.88 9.80 35.91
N GLY C 114 -23.67 10.85 36.12
CA GLY C 114 -23.16 12.05 36.73
C GLY C 114 -24.17 12.67 37.68
N ASP C 115 -23.64 13.28 38.73
CA ASP C 115 -24.39 14.13 39.65
C ASP C 115 -24.02 15.56 39.32
N THR C 116 -25.01 16.35 38.91
CA THR C 116 -24.72 17.68 38.37
C THR C 116 -25.55 18.73 39.10
N ILE C 117 -25.24 20.00 38.84
CA ILE C 117 -25.98 21.08 39.46
C ILE C 117 -27.41 21.20 38.95
N VAL C 118 -27.77 20.53 37.86
CA VAL C 118 -29.18 20.46 37.49
C VAL C 118 -29.71 19.03 37.60
N GLY C 119 -29.02 18.19 38.36
CA GLY C 119 -29.50 16.85 38.64
C GLY C 119 -28.78 15.75 37.88
N GLU C 120 -29.50 14.64 37.77
CA GLU C 120 -28.98 13.40 37.21
C GLU C 120 -28.46 13.59 35.79
N TRP C 121 -27.30 12.99 35.50
CA TRP C 121 -26.85 12.77 34.13
C TRP C 121 -26.76 11.27 33.90
N LYS C 122 -27.40 10.79 32.85
CA LYS C 122 -27.40 9.38 32.51
C LYS C 122 -27.36 9.25 30.99
N SER C 123 -26.30 8.67 30.46
CA SER C 123 -26.11 8.59 29.00
C SER C 123 -25.15 7.45 28.71
N GLU C 124 -24.85 7.27 27.43
CA GLU C 124 -23.86 6.30 26.98
C GLU C 124 -22.96 6.99 25.98
N CYS C 125 -21.72 6.53 25.89
CA CYS C 125 -20.79 7.12 24.95
C CYS C 125 -19.83 6.06 24.45
N ILE C 126 -19.22 6.33 23.30
CA ILE C 126 -18.21 5.45 22.75
C ILE C 126 -16.88 6.19 22.86
N PHE C 127 -15.89 5.53 23.44
CA PHE C 127 -14.53 6.03 23.57
C PHE C 127 -13.61 5.14 22.76
N ILE C 128 -12.75 5.77 21.97
CA ILE C 128 -11.70 5.06 21.25
C ILE C 128 -10.35 5.61 21.69
N PHE C 129 -9.45 4.70 22.05
CA PHE C 129 -8.12 5.06 22.54
C PHE C 129 -7.09 4.50 21.59
N GLN C 130 -6.12 5.33 21.20
CA GLN C 130 -4.90 4.82 20.58
C GLN C 130 -3.75 4.98 21.56
N MET C 131 -3.14 3.85 21.94
CA MET C 131 -2.06 3.85 22.91
C MET C 131 -0.73 4.24 22.23
N SER C 132 0.20 4.71 23.06
CA SER C 132 1.56 4.97 22.60
C SER C 132 2.22 3.67 22.14
N GLU C 133 3.40 3.81 21.53
CA GLU C 133 4.09 2.66 20.96
C GLU C 133 4.30 1.56 22.01
N ASP C 134 4.69 1.93 23.24
CA ASP C 134 4.89 0.92 24.27
C ASP C 134 3.61 0.49 24.95
N GLY C 135 2.46 1.01 24.52
CA GLY C 135 1.16 0.66 25.08
C GLY C 135 0.91 1.12 26.50
N LYS C 136 1.79 1.96 27.06
CA LYS C 136 1.65 2.36 28.45
C LYS C 136 0.90 3.68 28.64
N LEU C 137 0.78 4.50 27.60
CA LEU C 137 0.07 5.77 27.69
C LEU C 137 -0.95 5.87 26.56
N VAL C 138 -1.89 6.79 26.71
CA VAL C 138 -2.92 7.07 25.69
C VAL C 138 -2.44 8.20 24.80
N ASP C 139 -2.19 7.90 23.53
CA ASP C 139 -1.69 8.90 22.60
C ASP C 139 -2.79 9.69 21.91
N ARG C 140 -3.99 9.13 21.80
CA ARG C 140 -5.04 9.81 21.05
C ARG C 140 -6.37 9.24 21.50
N ILE C 141 -7.38 10.11 21.62
CA ILE C 141 -8.72 9.72 22.06
C ILE C 141 -9.74 10.29 21.09
N TRP C 142 -10.74 9.48 20.76
CA TRP C 142 -11.95 9.92 20.09
C TRP C 142 -13.13 9.58 20.98
N ALA C 143 -14.01 10.55 21.20
CA ALA C 143 -15.18 10.34 22.04
C ALA C 143 -16.45 10.61 21.24
N GLY C 144 -17.38 9.65 21.27
CA GLY C 144 -18.66 9.77 20.60
C GLY C 144 -19.78 9.79 21.60
N PHE C 145 -20.39 10.96 21.77
CA PHE C 145 -21.45 11.22 22.75
C PHE C 145 -22.81 11.19 22.07
N ASP C 146 -23.84 10.99 22.90
CA ASP C 146 -25.23 11.17 22.47
C ASP C 146 -25.50 12.67 22.35
N THR C 147 -25.47 13.21 21.12
CA THR C 147 -25.48 14.66 21.00
C THR C 147 -26.87 15.25 21.27
N ALA C 148 -27.95 14.49 21.03
CA ALA C 148 -29.28 14.93 21.43
C ALA C 148 -29.38 15.01 22.95
N TYR C 149 -28.80 14.04 23.66
CA TYR C 149 -28.85 14.14 25.12
C TYR C 149 -28.06 15.34 25.61
N MET C 150 -26.94 15.67 24.96
CA MET C 150 -26.16 16.82 25.38
C MET C 150 -26.94 18.12 25.18
N ASP C 151 -27.58 18.27 24.01
CA ASP C 151 -28.42 19.45 23.79
C ASP C 151 -29.52 19.53 24.85
N GLU C 152 -30.12 18.40 25.21
CA GLU C 152 -31.17 18.40 26.22
C GLU C 152 -30.59 18.79 27.59
N PHE C 153 -29.38 18.36 27.89
CA PHE C 153 -28.75 18.76 29.15
C PHE C 153 -28.47 20.25 29.16
N GLU C 154 -27.95 20.81 28.06
CA GLU C 154 -27.70 22.25 27.99
C GLU C 154 -28.98 23.06 28.19
N SER C 155 -30.10 22.58 27.66
CA SER C 155 -31.37 23.24 27.93
C SER C 155 -31.67 23.22 29.43
N ARG C 156 -31.37 22.11 30.11
CA ARG C 156 -31.59 22.05 31.56
C ARG C 156 -30.74 23.09 32.28
N LEU C 157 -29.48 23.24 31.88
CA LEU C 157 -28.62 24.25 32.47
C LEU C 157 -29.19 25.65 32.25
N ASP C 158 -29.71 25.91 31.05
CA ASP C 158 -30.29 27.21 30.75
C ASP C 158 -31.47 27.55 31.66
N GLY C 159 -31.95 26.60 32.47
CA GLY C 159 -33.14 26.84 33.27
C GLY C 159 -32.92 26.96 34.77
N ILE C 160 -31.71 27.29 35.22
CA ILE C 160 -31.47 27.47 36.65
C ILE C 160 -32.05 28.81 37.10
N THR C 161 -32.67 28.82 38.27
CA THR C 161 -33.17 30.08 38.86
C THR C 161 -32.59 30.34 40.24
N PRO D 23 3.84 -12.86 -4.99
CA PRO D 23 4.36 -12.45 -6.30
C PRO D 23 4.93 -11.03 -6.26
N THR D 24 5.99 -10.78 -7.01
CA THR D 24 6.69 -9.50 -6.94
C THR D 24 6.14 -8.53 -7.98
N ARG D 25 6.53 -7.26 -7.82
CA ARG D 25 6.18 -6.27 -8.82
C ARG D 25 6.52 -6.77 -10.21
N GLU D 26 7.74 -7.29 -10.38
CA GLU D 26 8.21 -7.67 -11.70
C GLU D 26 7.50 -8.91 -12.23
N ASP D 27 7.21 -9.88 -11.36
CA ASP D 27 6.41 -11.03 -11.76
C ASP D 27 5.10 -10.59 -12.39
N LEU D 28 4.29 -9.83 -11.62
CA LEU D 28 2.98 -9.39 -12.10
C LEU D 28 3.08 -8.73 -13.45
N VAL D 29 4.00 -7.76 -13.59
CA VAL D 29 4.12 -7.06 -14.87
C VAL D 29 4.50 -8.02 -16.00
N ALA D 30 5.38 -8.98 -15.70
CA ALA D 30 5.80 -9.91 -16.76
C ALA D 30 4.62 -10.70 -17.28
N THR D 31 3.78 -11.22 -16.38
CA THR D 31 2.58 -11.93 -16.80
C THR D 31 1.67 -11.02 -17.65
N ALA D 32 1.44 -9.80 -17.18
CA ALA D 32 0.63 -8.88 -17.97
C ALA D 32 1.24 -8.64 -19.34
N LYS D 33 2.56 -8.49 -19.41
CA LYS D 33 3.20 -8.33 -20.70
C LYS D 33 3.11 -9.60 -21.53
N LEU D 34 3.02 -10.74 -20.85
CA LEU D 34 2.82 -12.01 -21.54
C LEU D 34 1.41 -12.08 -22.16
N PHE D 35 0.39 -11.80 -21.34
CA PHE D 35 -0.97 -11.69 -21.87
C PHE D 35 -0.99 -10.81 -23.10
N ILE D 36 -0.29 -9.68 -23.06
CA ILE D 36 -0.35 -8.75 -24.18
C ILE D 36 0.36 -9.32 -25.40
N ALA D 37 1.49 -10.02 -25.19
CA ALA D 37 2.18 -10.65 -26.31
C ALA D 37 1.29 -11.68 -26.98
N LYS D 38 0.74 -12.62 -26.20
CA LYS D 38 -0.16 -13.63 -26.74
C LYS D 38 -1.38 -12.98 -27.38
N TYR D 39 -2.01 -12.04 -26.67
CA TYR D 39 -3.18 -11.36 -27.18
C TYR D 39 -2.92 -10.76 -28.56
N ASN D 40 -1.69 -10.32 -28.81
CA ASN D 40 -1.37 -9.74 -30.10
C ASN D 40 -1.19 -10.80 -31.18
N GLU D 41 -1.01 -12.07 -30.81
CA GLU D 41 -1.16 -13.13 -31.80
C GLU D 41 -2.54 -13.06 -32.45
N PHE D 42 -3.54 -12.60 -31.69
CA PHE D 42 -4.89 -12.35 -32.18
C PHE D 42 -5.50 -13.58 -32.84
N THR D 43 -5.61 -14.64 -32.05
CA THR D 43 -6.41 -15.81 -32.39
C THR D 43 -7.19 -16.20 -31.14
N PRO D 44 -8.27 -16.96 -31.30
CA PRO D 44 -9.12 -17.23 -30.12
C PRO D 44 -8.39 -17.88 -28.95
N GLU D 45 -7.29 -18.58 -29.17
CA GLU D 45 -6.62 -19.19 -28.05
C GLU D 45 -5.32 -18.50 -27.67
N SER D 46 -4.80 -17.62 -28.52
CA SER D 46 -3.70 -16.76 -28.11
C SER D 46 -4.19 -15.69 -27.14
N ILE D 47 -5.48 -15.31 -27.24
CA ILE D 47 -6.03 -14.29 -26.35
C ILE D 47 -6.53 -14.87 -25.05
N ILE D 48 -6.60 -16.19 -24.92
CA ILE D 48 -7.04 -16.83 -23.68
C ILE D 48 -5.95 -17.69 -23.05
N SER D 49 -4.76 -17.77 -23.67
CA SER D 49 -3.74 -18.70 -23.20
C SER D 49 -3.21 -18.34 -21.82
N VAL D 50 -3.10 -17.04 -21.54
CA VAL D 50 -2.52 -16.54 -20.29
C VAL D 50 -3.63 -16.20 -19.31
N ARG D 51 -4.76 -16.91 -19.38
CA ARG D 51 -5.89 -16.68 -18.48
C ARG D 51 -6.21 -17.92 -17.68
N THR D 52 -6.76 -17.72 -16.50
CA THR D 52 -7.18 -18.81 -15.63
C THR D 52 -8.47 -19.44 -16.15
N PRO D 53 -8.86 -20.58 -15.59
CA PRO D 53 -10.09 -21.26 -16.04
C PRO D 53 -11.38 -20.49 -15.74
N ASN D 54 -11.57 -20.06 -14.49
CA ASN D 54 -12.77 -19.30 -14.13
C ASN D 54 -12.63 -17.82 -14.45
N SER D 55 -11.61 -17.45 -15.21
CA SER D 55 -11.31 -16.07 -15.56
C SER D 55 -12.49 -15.36 -16.21
N VAL D 56 -12.82 -14.17 -15.70
CA VAL D 56 -13.88 -13.33 -16.25
C VAL D 56 -13.28 -12.03 -16.75
N SER D 57 -13.74 -11.58 -17.93
CA SER D 57 -13.26 -10.36 -18.57
C SER D 57 -14.41 -9.35 -18.65
N HIS D 58 -14.23 -8.20 -17.99
CA HIS D 58 -15.25 -7.17 -17.88
C HIS D 58 -14.93 -6.04 -18.85
N ARG D 59 -15.97 -5.46 -19.44
CA ARG D 59 -15.79 -4.24 -20.24
C ARG D 59 -16.41 -3.09 -19.47
N LEU D 60 -15.62 -2.03 -19.23
CA LEU D 60 -16.05 -0.90 -18.42
C LEU D 60 -17.00 -0.01 -19.20
N PHE D 61 -17.73 0.84 -18.44
CA PHE D 61 -18.57 1.95 -18.91
C PHE D 61 -19.97 1.45 -19.26
N PRO D 62 -21.01 2.15 -18.81
CA PRO D 62 -22.40 1.72 -19.10
C PRO D 62 -22.67 1.38 -20.57
N THR D 63 -22.18 2.17 -21.53
CA THR D 63 -22.63 1.96 -22.91
C THR D 63 -22.03 0.71 -23.56
N ARG D 64 -20.99 0.14 -22.95
CA ARG D 64 -20.39 -1.10 -23.47
C ARG D 64 -20.26 -2.17 -22.40
N ASN D 65 -21.00 -2.04 -21.29
CA ASN D 65 -20.94 -2.98 -20.20
C ASN D 65 -21.06 -4.41 -20.71
N ALA D 66 -20.28 -5.32 -20.15
CA ALA D 66 -20.30 -6.71 -20.58
C ALA D 66 -19.36 -7.54 -19.69
N THR D 67 -19.66 -8.83 -19.59
CA THR D 67 -18.84 -9.77 -18.84
C THR D 67 -18.75 -11.07 -19.63
N ARG D 68 -17.52 -11.58 -19.81
CA ARG D 68 -17.25 -12.72 -20.67
C ARG D 68 -16.34 -13.70 -19.96
N ASN D 69 -16.82 -14.94 -19.77
CA ASN D 69 -15.98 -16.05 -19.32
C ASN D 69 -15.04 -16.47 -20.45
N ILE D 70 -14.34 -17.59 -20.26
CA ILE D 70 -13.32 -18.02 -21.23
C ILE D 70 -13.96 -18.34 -22.59
N GLY D 71 -15.00 -19.16 -22.58
CA GLY D 71 -15.65 -19.51 -23.84
C GLY D 71 -16.25 -18.31 -24.55
N GLU D 72 -16.96 -17.46 -23.80
CA GLU D 72 -17.54 -16.27 -24.42
C GLU D 72 -16.46 -15.36 -25.00
N SER D 73 -15.28 -15.32 -24.38
CA SER D 73 -14.19 -14.51 -24.94
C SER D 73 -13.71 -15.09 -26.26
N MET D 74 -13.65 -16.42 -26.38
CA MET D 74 -13.16 -17.05 -27.61
C MET D 74 -14.08 -16.74 -28.79
N GLU D 75 -15.39 -16.92 -28.60
CA GLU D 75 -16.33 -16.59 -29.67
C GLU D 75 -16.17 -15.15 -30.12
N ALA D 76 -16.15 -14.22 -29.16
CA ALA D 76 -15.98 -12.81 -29.49
C ALA D 76 -14.74 -12.59 -30.34
N CYS D 77 -13.65 -13.31 -30.05
CA CYS D 77 -12.47 -13.21 -30.90
C CYS D 77 -12.76 -13.77 -32.29
N ALA D 78 -13.40 -14.94 -32.35
CA ALA D 78 -13.81 -15.51 -33.64
C ALA D 78 -14.63 -14.51 -34.42
N ASN D 79 -15.73 -14.05 -33.84
CA ASN D 79 -16.58 -13.05 -34.49
C ASN D 79 -15.78 -11.84 -34.94
N ALA D 80 -14.90 -11.34 -34.07
CA ALA D 80 -14.16 -10.13 -34.41
C ALA D 80 -13.15 -10.38 -35.52
N LYS D 81 -12.62 -11.60 -35.64
CA LYS D 81 -11.65 -11.87 -36.69
C LYS D 81 -12.31 -11.82 -38.07
N GLU D 82 -13.63 -11.97 -38.14
CA GLU D 82 -14.34 -11.74 -39.40
C GLU D 82 -14.10 -10.33 -39.91
N VAL D 83 -13.96 -9.34 -39.03
CA VAL D 83 -13.79 -7.97 -39.46
C VAL D 83 -12.34 -7.49 -39.33
N PHE D 84 -11.58 -8.02 -38.39
CA PHE D 84 -10.24 -7.50 -38.11
C PHE D 84 -9.21 -8.36 -38.80
N LYS D 85 -8.40 -7.74 -39.66
CA LYS D 85 -7.25 -8.44 -40.22
C LYS D 85 -6.19 -8.64 -39.13
N SER D 86 -5.81 -7.56 -38.46
CA SER D 86 -4.86 -7.57 -37.36
C SER D 86 -5.35 -6.65 -36.26
N LEU D 87 -4.99 -6.99 -35.01
CA LEU D 87 -5.33 -6.17 -33.86
C LEU D 87 -4.23 -6.33 -32.82
N THR D 88 -3.52 -5.25 -32.52
CA THR D 88 -2.40 -5.28 -31.59
C THR D 88 -2.52 -4.14 -30.58
N VAL D 89 -2.06 -4.42 -29.36
CA VAL D 89 -1.99 -3.42 -28.29
C VAL D 89 -0.54 -3.31 -27.86
N SER D 90 -0.03 -2.07 -27.79
CA SER D 90 1.30 -1.82 -27.28
C SER D 90 1.26 -0.81 -26.13
N VAL D 91 1.99 -1.11 -25.05
CA VAL D 91 2.09 -0.18 -23.93
C VAL D 91 2.73 1.11 -24.44
N ILE D 92 2.05 2.25 -24.28
CA ILE D 92 2.63 3.45 -24.87
C ILE D 92 3.72 4.09 -24.00
N ASP D 93 3.80 3.78 -22.70
CA ASP D 93 4.91 4.31 -21.89
C ASP D 93 5.03 3.47 -20.61
N ASP D 94 6.05 2.60 -20.57
CA ASP D 94 6.27 1.75 -19.40
C ASP D 94 6.33 2.55 -18.10
N ASN D 95 6.75 3.82 -18.17
CA ASN D 95 6.82 4.66 -16.98
C ASN D 95 5.44 4.92 -16.38
N ASP D 96 4.38 4.77 -17.17
CA ASP D 96 3.02 5.08 -16.76
C ASP D 96 2.28 3.88 -16.21
N THR D 97 2.87 2.69 -16.27
CA THR D 97 2.21 1.49 -15.78
C THR D 97 2.01 1.56 -14.28
N ILE D 98 0.87 1.03 -13.82
CA ILE D 98 0.51 1.01 -12.40
C ILE D 98 0.54 -0.43 -11.94
N VAL D 99 1.20 -0.68 -10.81
CA VAL D 99 1.28 -2.02 -10.26
C VAL D 99 0.94 -1.97 -8.78
N ASP D 100 0.03 -2.84 -8.35
CA ASP D 100 -0.47 -2.93 -6.97
C ASP D 100 -0.17 -4.35 -6.49
N GLU D 101 0.96 -4.52 -5.77
CA GLU D 101 1.34 -5.86 -5.33
C GLU D 101 0.31 -6.47 -4.41
N ARG D 102 -0.39 -5.66 -3.61
CA ARG D 102 -1.30 -6.21 -2.62
C ARG D 102 -2.50 -6.88 -3.28
N THR D 103 -3.08 -6.25 -4.30
CA THR D 103 -4.21 -6.81 -5.01
C THR D 103 -3.79 -7.56 -6.27
N ARG D 104 -2.49 -7.59 -6.57
CA ARG D 104 -1.96 -8.31 -7.74
C ARG D 104 -2.52 -7.76 -9.05
N LYS D 105 -2.59 -6.44 -9.15
CA LYS D 105 -3.15 -5.79 -10.34
C LYS D 105 -2.08 -4.99 -11.07
N VAL D 106 -2.16 -5.01 -12.41
CA VAL D 106 -1.36 -4.16 -13.29
C VAL D 106 -2.33 -3.37 -14.18
N VAL D 107 -1.98 -2.12 -14.45
CA VAL D 107 -2.80 -1.26 -15.28
C VAL D 107 -1.92 -0.73 -16.40
N PHE D 108 -2.29 -1.06 -17.64
CA PHE D 108 -1.65 -0.56 -18.86
C PHE D 108 -2.57 0.43 -19.56
N TYR D 109 -1.98 1.53 -20.03
CA TYR D 109 -2.61 2.35 -21.04
C TYR D 109 -2.00 1.95 -22.38
N LEU D 110 -2.85 1.52 -23.32
CA LEU D 110 -2.41 0.87 -24.54
C LEU D 110 -2.88 1.65 -25.76
N ALA D 111 -2.07 1.63 -26.81
CA ALA D 111 -2.53 2.02 -28.15
C ALA D 111 -2.94 0.75 -28.86
N SER D 112 -4.16 0.70 -29.36
CA SER D 112 -4.62 -0.41 -30.17
C SER D 112 -4.68 0.04 -31.62
N ARG D 113 -4.06 -0.74 -32.50
CA ARG D 113 -4.10 -0.49 -33.93
C ARG D 113 -4.44 -1.79 -34.64
N GLY D 114 -5.21 -1.66 -35.71
CA GLY D 114 -5.61 -2.81 -36.48
C GLY D 114 -5.95 -2.41 -37.90
N ASP D 115 -5.85 -3.38 -38.79
CA ASP D 115 -6.27 -3.20 -40.18
C ASP D 115 -7.58 -3.94 -40.37
N THR D 116 -8.60 -3.24 -40.87
CA THR D 116 -9.93 -3.80 -40.95
C THR D 116 -10.46 -3.68 -42.37
N ILE D 117 -11.53 -4.43 -42.64
CA ILE D 117 -12.21 -4.34 -43.93
C ILE D 117 -12.78 -2.96 -44.17
N VAL D 118 -12.91 -2.14 -43.13
CA VAL D 118 -13.38 -0.78 -43.30
C VAL D 118 -12.26 0.23 -43.02
N GLY D 119 -11.01 -0.21 -43.10
CA GLY D 119 -9.88 0.70 -42.97
C GLY D 119 -9.09 0.58 -41.68
N GLU D 120 -8.53 1.69 -41.24
CA GLU D 120 -7.62 1.69 -40.09
C GLU D 120 -8.41 1.78 -38.79
N TRP D 121 -8.26 0.77 -37.95
CA TRP D 121 -8.65 0.87 -36.54
C TRP D 121 -7.48 1.43 -35.76
N LYS D 122 -7.70 2.57 -35.11
CA LYS D 122 -6.66 3.17 -34.28
C LYS D 122 -7.33 3.84 -33.08
N SER D 123 -7.03 3.35 -31.88
CA SER D 123 -7.58 3.97 -30.68
C SER D 123 -6.62 3.71 -29.53
N GLU D 124 -7.08 4.00 -28.31
CA GLU D 124 -6.34 3.71 -27.09
C GLU D 124 -7.31 3.06 -26.10
N CYS D 125 -6.76 2.28 -25.18
CA CYS D 125 -7.61 1.61 -24.21
C CYS D 125 -6.84 1.37 -22.92
N ILE D 126 -7.58 1.26 -21.82
CA ILE D 126 -6.98 0.94 -20.53
C ILE D 126 -7.37 -0.49 -20.18
N PHE D 127 -6.36 -1.32 -19.93
CA PHE D 127 -6.52 -2.71 -19.50
C PHE D 127 -6.05 -2.81 -18.05
N ILE D 128 -6.85 -3.45 -17.22
CA ILE D 128 -6.48 -3.73 -15.84
C ILE D 128 -6.50 -5.24 -15.65
N PHE D 129 -5.37 -5.79 -15.20
CA PHE D 129 -5.25 -7.21 -14.93
C PHE D 129 -5.18 -7.46 -13.44
N GLN D 130 -5.92 -8.47 -12.99
CA GLN D 130 -5.66 -9.05 -11.69
C GLN D 130 -5.12 -10.45 -11.93
N MET D 131 -4.01 -10.77 -11.27
CA MET D 131 -3.33 -12.03 -11.51
C MET D 131 -3.78 -13.07 -10.49
N SER D 132 -3.50 -14.33 -10.79
CA SER D 132 -3.76 -15.37 -9.81
C SER D 132 -2.81 -15.23 -8.63
N GLU D 133 -3.12 -15.98 -7.57
CA GLU D 133 -2.35 -15.84 -6.33
C GLU D 133 -0.87 -16.12 -6.54
N ASP D 134 -0.52 -17.00 -7.47
CA ASP D 134 0.90 -17.25 -7.73
C ASP D 134 1.47 -16.32 -8.79
N GLY D 135 0.66 -15.41 -9.32
CA GLY D 135 1.12 -14.45 -10.30
C GLY D 135 1.38 -15.01 -11.66
N LYS D 136 1.09 -16.30 -11.89
CA LYS D 136 1.39 -16.94 -13.16
C LYS D 136 0.36 -16.63 -14.23
N LEU D 137 -0.90 -16.38 -13.86
CA LEU D 137 -1.98 -16.23 -14.82
C LEU D 137 -2.85 -15.03 -14.49
N VAL D 138 -3.55 -14.53 -15.52
CA VAL D 138 -4.51 -13.44 -15.38
C VAL D 138 -5.85 -14.03 -14.94
N ASP D 139 -6.30 -13.66 -13.74
CA ASP D 139 -7.52 -14.17 -13.13
C ASP D 139 -8.74 -13.26 -13.31
N ARG D 140 -8.56 -12.04 -13.81
CA ARG D 140 -9.67 -11.10 -14.00
C ARG D 140 -9.14 -9.95 -14.84
N ILE D 141 -9.96 -9.48 -15.79
CA ILE D 141 -9.59 -8.38 -16.68
C ILE D 141 -10.72 -7.35 -16.69
N TRP D 142 -10.34 -6.08 -16.77
CA TRP D 142 -11.26 -4.99 -17.00
C TRP D 142 -10.71 -4.20 -18.16
N ALA D 143 -11.55 -3.88 -19.14
CA ALA D 143 -11.12 -3.16 -20.32
C ALA D 143 -11.97 -1.92 -20.47
N GLY D 144 -11.32 -0.76 -20.47
CA GLY D 144 -11.96 0.50 -20.79
C GLY D 144 -11.58 1.00 -22.18
N PHE D 145 -12.54 0.98 -23.09
CA PHE D 145 -12.35 1.42 -24.47
C PHE D 145 -12.90 2.83 -24.66
N ASP D 146 -12.49 3.45 -25.77
CA ASP D 146 -13.05 4.72 -26.23
C ASP D 146 -14.40 4.40 -26.86
N THR D 147 -15.48 4.55 -26.08
CA THR D 147 -16.77 4.02 -26.55
C THR D 147 -17.33 4.79 -27.75
N ALA D 148 -17.06 6.09 -27.84
CA ALA D 148 -17.49 6.84 -29.01
C ALA D 148 -16.75 6.37 -30.27
N TYR D 149 -15.47 5.99 -30.12
CA TYR D 149 -14.76 5.44 -31.26
C TYR D 149 -15.36 4.10 -31.68
N MET D 150 -15.69 3.24 -30.72
CA MET D 150 -16.34 1.99 -31.08
C MET D 150 -17.65 2.25 -31.83
N ASP D 151 -18.44 3.23 -31.39
CA ASP D 151 -19.66 3.56 -32.13
C ASP D 151 -19.34 4.01 -33.56
N GLU D 152 -18.35 4.89 -33.72
CA GLU D 152 -17.99 5.35 -35.05
C GLU D 152 -17.53 4.19 -35.93
N PHE D 153 -16.73 3.30 -35.37
CA PHE D 153 -16.24 2.16 -36.14
C PHE D 153 -17.39 1.24 -36.56
N GLU D 154 -18.31 0.95 -35.63
CA GLU D 154 -19.44 0.10 -36.02
C GLU D 154 -20.29 0.77 -37.09
N SER D 155 -20.40 2.10 -37.06
CA SER D 155 -21.16 2.79 -38.10
C SER D 155 -20.42 2.78 -39.43
N ARG D 156 -19.10 2.60 -39.43
CA ARG D 156 -18.38 2.35 -40.67
C ARG D 156 -18.83 1.03 -41.30
N LEU D 157 -19.04 -0.01 -40.49
CA LEU D 157 -19.58 -1.26 -41.03
C LEU D 157 -20.98 -1.07 -41.57
N ASP D 158 -21.84 -0.35 -40.82
CA ASP D 158 -23.23 -0.19 -41.21
C ASP D 158 -23.38 0.35 -42.63
N GLY D 159 -22.33 0.96 -43.18
CA GLY D 159 -22.39 1.56 -44.49
C GLY D 159 -21.74 0.81 -45.63
N ILE D 160 -21.35 -0.47 -45.43
CA ILE D 160 -20.84 -1.26 -46.54
C ILE D 160 -21.93 -1.42 -47.58
N THR D 161 -21.59 -1.14 -48.84
CA THR D 161 -22.53 -1.33 -49.94
C THR D 161 -22.53 -2.79 -50.42
N PRO E 23 28.64 -11.83 24.77
CA PRO E 23 30.00 -11.68 24.23
C PRO E 23 30.25 -10.27 23.71
N THR E 24 31.49 -9.79 23.84
CA THR E 24 31.81 -8.47 23.34
C THR E 24 32.23 -8.55 21.87
N ARG E 25 32.30 -7.38 21.23
CA ARG E 25 32.82 -7.35 19.87
C ARG E 25 34.25 -7.90 19.82
N GLU E 26 35.06 -7.74 20.88
CA GLU E 26 36.42 -8.28 20.86
C GLU E 26 36.41 -9.80 20.97
N ASP E 27 35.45 -10.35 21.71
CA ASP E 27 35.29 -11.80 21.79
C ASP E 27 34.83 -12.38 20.46
N LEU E 28 33.83 -11.74 19.83
CA LEU E 28 33.33 -12.22 18.54
C LEU E 28 34.46 -12.25 17.51
N VAL E 29 35.18 -11.16 17.36
CA VAL E 29 36.28 -11.07 16.41
C VAL E 29 37.34 -12.13 16.69
N ALA E 30 37.65 -12.35 17.98
CA ALA E 30 38.68 -13.33 18.30
C ALA E 30 38.29 -14.72 17.80
N THR E 31 37.03 -15.10 17.97
CA THR E 31 36.58 -16.39 17.47
C THR E 31 36.66 -16.44 15.94
N ALA E 32 36.16 -15.42 15.26
CA ALA E 32 36.26 -15.37 13.80
C ALA E 32 37.70 -15.43 13.35
N LYS E 33 38.62 -14.79 14.10
CA LYS E 33 40.02 -14.88 13.73
C LYS E 33 40.58 -16.28 13.96
N LEU E 34 40.06 -17.01 14.96
CA LEU E 34 40.46 -18.39 15.14
C LEU E 34 39.98 -19.25 13.97
N PHE E 35 38.71 -19.10 13.59
CA PHE E 35 38.24 -19.78 12.40
C PHE E 35 39.19 -19.55 11.23
N ILE E 36 39.58 -18.30 11.02
CA ILE E 36 40.44 -17.98 9.88
C ILE E 36 41.80 -18.67 10.02
N ALA E 37 42.36 -18.69 11.23
CA ALA E 37 43.66 -19.30 11.45
C ALA E 37 43.61 -20.79 11.11
N LYS E 38 42.60 -21.50 11.61
CA LYS E 38 42.48 -22.93 11.32
C LYS E 38 42.12 -23.15 9.86
N TYR E 39 41.20 -22.36 9.33
CA TYR E 39 40.89 -22.39 7.91
C TYR E 39 42.15 -22.41 7.07
N ASN E 40 43.13 -21.57 7.44
CA ASN E 40 44.36 -21.46 6.67
C ASN E 40 45.24 -22.70 6.77
N GLU E 41 45.00 -23.58 7.75
CA GLU E 41 45.71 -24.86 7.74
C GLU E 41 45.30 -25.70 6.53
N PHE E 42 44.06 -25.50 6.05
CA PHE E 42 43.60 -26.06 4.79
C PHE E 42 43.67 -27.60 4.79
N THR E 43 42.96 -28.19 5.75
CA THR E 43 42.69 -29.61 5.79
C THR E 43 41.20 -29.79 6.04
N PRO E 44 40.63 -30.92 5.62
CA PRO E 44 39.23 -31.20 5.96
C PRO E 44 38.92 -31.10 7.44
N GLU E 45 39.86 -31.46 8.32
CA GLU E 45 39.57 -31.38 9.75
C GLU E 45 39.73 -29.95 10.28
N SER E 46 40.76 -29.23 9.84
CA SER E 46 41.00 -27.90 10.36
C SER E 46 39.93 -26.90 9.92
N ILE E 47 39.46 -26.98 8.67
CA ILE E 47 38.44 -26.03 8.24
C ILE E 47 37.16 -26.17 9.03
N ILE E 48 36.97 -27.28 9.73
CA ILE E 48 35.75 -27.53 10.49
C ILE E 48 35.94 -27.37 12.01
N SER E 49 37.16 -27.09 12.48
CA SER E 49 37.44 -27.23 13.91
C SER E 49 36.75 -26.17 14.75
N VAL E 50 36.45 -25.00 14.19
CA VAL E 50 35.86 -23.92 14.98
C VAL E 50 34.37 -23.77 14.70
N ARG E 51 33.71 -24.85 14.28
CA ARG E 51 32.31 -24.81 13.93
C ARG E 51 31.48 -25.70 14.86
N THR E 52 30.27 -25.25 15.18
CA THR E 52 29.36 -26.09 15.94
C THR E 52 29.00 -27.33 15.11
N PRO E 53 28.52 -28.39 15.76
CA PRO E 53 28.17 -29.60 15.02
C PRO E 53 27.05 -29.43 13.99
N ASN E 54 26.12 -28.49 14.20
CA ASN E 54 25.00 -28.29 13.29
C ASN E 54 25.19 -27.08 12.37
N SER E 55 26.38 -26.49 12.37
CA SER E 55 26.62 -25.27 11.62
C SER E 55 26.49 -25.50 10.12
N VAL E 56 25.89 -24.54 9.40
CA VAL E 56 25.83 -24.58 7.95
C VAL E 56 26.61 -23.39 7.39
N SER E 57 27.22 -23.61 6.23
CA SER E 57 27.99 -22.60 5.50
C SER E 57 27.33 -22.37 4.15
N HIS E 58 26.97 -21.12 3.86
CA HIS E 58 26.27 -20.75 2.64
C HIS E 58 27.18 -19.98 1.69
N ARG E 59 27.03 -20.26 0.39
CA ARG E 59 27.63 -19.44 -0.65
C ARG E 59 26.61 -18.42 -1.15
N LEU E 60 26.96 -17.14 -1.06
CA LEU E 60 26.12 -16.09 -1.61
C LEU E 60 26.14 -16.13 -3.14
N PHE E 61 25.21 -15.37 -3.75
CA PHE E 61 25.07 -15.09 -5.19
C PHE E 61 24.43 -16.25 -5.94
N PRO E 62 23.45 -15.95 -6.79
CA PRO E 62 22.73 -17.01 -7.52
C PRO E 62 23.62 -17.96 -8.31
N THR E 63 24.66 -17.48 -8.99
CA THR E 63 25.46 -18.38 -9.83
C THR E 63 26.36 -19.32 -9.02
N ARG E 64 26.51 -19.09 -7.73
CA ARG E 64 27.36 -19.96 -6.91
C ARG E 64 26.63 -20.45 -5.66
N ASN E 65 25.32 -20.19 -5.56
CA ASN E 65 24.49 -20.67 -4.46
C ASN E 65 24.85 -22.10 -4.07
N ALA E 66 24.88 -22.35 -2.76
CA ALA E 66 25.20 -23.67 -2.22
C ALA E 66 25.06 -23.61 -0.70
N THR E 67 24.77 -24.75 -0.10
CA THR E 67 24.61 -24.87 1.34
C THR E 67 25.32 -26.14 1.81
N ARG E 68 26.16 -26.00 2.83
CA ARG E 68 27.02 -27.09 3.25
C ARG E 68 27.01 -27.27 4.76
N ASN E 69 26.87 -28.52 5.19
CA ASN E 69 27.04 -28.89 6.58
C ASN E 69 28.47 -29.35 6.80
N ILE E 70 28.77 -29.78 8.02
CA ILE E 70 30.15 -30.13 8.37
C ILE E 70 30.69 -31.17 7.39
N GLY E 71 29.93 -32.24 7.18
CA GLY E 71 30.40 -33.28 6.27
C GLY E 71 30.64 -32.77 4.87
N GLU E 72 29.71 -31.97 4.35
CA GLU E 72 29.84 -31.46 2.98
C GLU E 72 31.06 -30.55 2.84
N SER E 73 31.34 -29.73 3.86
CA SER E 73 32.49 -28.83 3.77
C SER E 73 33.80 -29.60 3.78
N MET E 74 33.85 -30.72 4.51
CA MET E 74 35.04 -31.55 4.50
C MET E 74 35.23 -32.20 3.15
N GLU E 75 34.16 -32.80 2.62
CA GLU E 75 34.22 -33.36 1.27
C GLU E 75 34.54 -32.27 0.26
N ALA E 76 33.92 -31.09 0.41
CA ALA E 76 34.25 -29.97 -0.45
C ALA E 76 35.73 -29.63 -0.34
N CYS E 77 36.25 -29.60 0.90
CA CYS E 77 37.65 -29.23 1.09
C CYS E 77 38.58 -30.29 0.52
N ALA E 78 38.26 -31.57 0.71
CA ALA E 78 39.07 -32.64 0.12
C ALA E 78 39.10 -32.52 -1.40
N ASN E 79 37.95 -32.23 -2.01
CA ASN E 79 37.93 -32.04 -3.46
C ASN E 79 38.84 -30.88 -3.86
N ALA E 80 38.86 -29.82 -3.06
CA ALA E 80 39.56 -28.61 -3.48
C ALA E 80 41.07 -28.77 -3.36
N LYS E 81 41.55 -29.55 -2.39
CA LYS E 81 42.99 -29.69 -2.25
C LYS E 81 43.59 -30.56 -3.36
N GLU E 82 42.75 -31.24 -4.14
CA GLU E 82 43.25 -31.85 -5.36
C GLU E 82 43.71 -30.81 -6.37
N VAL E 83 43.18 -29.59 -6.27
CA VAL E 83 43.55 -28.52 -7.17
C VAL E 83 44.44 -27.48 -6.49
N PHE E 84 44.17 -27.20 -5.20
CA PHE E 84 44.89 -26.20 -4.43
C PHE E 84 45.99 -26.89 -3.63
N LYS E 85 47.23 -26.48 -3.85
CA LYS E 85 48.35 -26.98 -3.05
C LYS E 85 48.62 -26.09 -1.84
N SER E 86 48.04 -24.89 -1.82
CA SER E 86 48.02 -24.01 -0.65
C SER E 86 46.86 -23.04 -0.86
N LEU E 87 46.30 -22.58 0.26
CA LEU E 87 45.22 -21.61 0.24
C LEU E 87 45.24 -20.82 1.54
N THR E 88 45.15 -19.49 1.42
CA THR E 88 45.26 -18.60 2.57
C THR E 88 44.28 -17.45 2.41
N VAL E 89 43.58 -17.11 3.50
CA VAL E 89 42.81 -15.88 3.56
C VAL E 89 43.37 -15.02 4.69
N SER E 90 43.46 -13.72 4.43
CA SER E 90 43.89 -12.77 5.43
C SER E 90 42.94 -11.59 5.42
N VAL E 91 42.66 -11.06 6.62
CA VAL E 91 41.86 -9.86 6.75
C VAL E 91 42.62 -8.69 6.15
N ILE E 92 42.02 -8.01 5.18
CA ILE E 92 42.72 -6.98 4.43
C ILE E 92 42.99 -5.76 5.30
N ASP E 93 41.99 -5.29 6.03
CA ASP E 93 42.14 -4.08 6.83
C ASP E 93 41.25 -4.21 8.05
N ASP E 94 41.87 -4.42 9.23
CA ASP E 94 41.11 -4.59 10.46
C ASP E 94 40.14 -3.43 10.68
N ASN E 95 40.47 -2.24 10.21
CA ASN E 95 39.60 -1.09 10.41
C ASN E 95 38.25 -1.26 9.71
N ASP E 96 38.18 -2.12 8.70
CA ASP E 96 36.96 -2.29 7.91
C ASP E 96 36.08 -3.41 8.43
N THR E 97 36.57 -4.20 9.38
CA THR E 97 35.75 -5.27 9.93
C THR E 97 34.47 -4.70 10.53
N ILE E 98 33.40 -5.49 10.46
CA ILE E 98 32.08 -5.09 10.92
C ILE E 98 31.65 -6.09 11.98
N VAL E 99 31.18 -5.58 13.12
CA VAL E 99 30.74 -6.45 14.20
C VAL E 99 29.40 -5.96 14.72
N ASP E 100 28.46 -6.88 14.84
CA ASP E 100 27.11 -6.60 15.31
C ASP E 100 26.98 -7.42 16.57
N GLU E 101 27.20 -6.77 17.73
CA GLU E 101 27.15 -7.49 18.98
C GLU E 101 25.79 -8.14 19.18
N ARG E 102 24.72 -7.44 18.77
CA ARG E 102 23.37 -7.95 19.02
C ARG E 102 23.15 -9.29 18.33
N THR E 103 23.57 -9.45 17.08
CA THR E 103 23.34 -10.72 16.38
C THR E 103 24.53 -11.67 16.46
N ARG E 104 25.64 -11.23 17.05
CA ARG E 104 26.87 -12.04 17.15
C ARG E 104 27.45 -12.30 15.76
N LYS E 105 27.46 -11.28 14.92
CA LYS E 105 27.96 -11.42 13.56
C LYS E 105 29.22 -10.59 13.35
N VAL E 106 30.16 -11.17 12.62
CA VAL E 106 31.39 -10.52 12.18
C VAL E 106 31.47 -10.63 10.65
N VAL E 107 31.90 -9.55 10.01
CA VAL E 107 32.12 -9.51 8.57
C VAL E 107 33.57 -9.14 8.32
N PHE E 108 34.29 -10.03 7.64
CA PHE E 108 35.66 -9.79 7.17
C PHE E 108 35.63 -9.59 5.66
N TYR E 109 36.48 -8.70 5.16
CA TYR E 109 36.79 -8.68 3.73
C TYR E 109 38.23 -9.18 3.58
N LEU E 110 38.37 -10.28 2.86
CA LEU E 110 39.53 -11.15 2.91
C LEU E 110 40.26 -11.14 1.59
N ALA E 111 41.60 -11.21 1.67
CA ALA E 111 42.42 -11.54 0.52
C ALA E 111 42.69 -13.03 0.51
N SER E 112 42.41 -13.67 -0.62
CA SER E 112 42.63 -15.11 -0.76
C SER E 112 43.74 -15.36 -1.78
N ARG E 113 44.67 -16.24 -1.42
CA ARG E 113 45.86 -16.52 -2.21
C ARG E 113 46.08 -18.01 -2.19
N GLY E 114 46.50 -18.57 -3.32
CA GLY E 114 46.64 -20.02 -3.39
C GLY E 114 47.56 -20.47 -4.49
N ASP E 115 48.12 -21.66 -4.29
CA ASP E 115 48.88 -22.36 -5.31
C ASP E 115 48.08 -23.57 -5.76
N THR E 116 48.04 -23.77 -7.08
CA THR E 116 47.08 -24.65 -7.71
C THR E 116 47.77 -25.46 -8.81
N ILE E 117 47.15 -26.57 -9.23
CA ILE E 117 47.69 -27.37 -10.33
C ILE E 117 47.66 -26.57 -11.64
N VAL E 118 46.76 -25.60 -11.74
CA VAL E 118 46.89 -24.52 -12.71
C VAL E 118 47.74 -23.45 -12.01
N GLY E 119 47.81 -22.25 -12.54
CA GLY E 119 48.66 -21.28 -11.89
C GLY E 119 48.22 -20.80 -10.51
N GLU E 120 48.42 -19.51 -10.29
CA GLU E 120 48.14 -18.87 -9.02
C GLU E 120 46.65 -18.56 -8.87
N TRP E 121 46.17 -18.62 -7.63
CA TRP E 121 44.86 -18.12 -7.24
C TRP E 121 45.06 -16.83 -6.46
N LYS E 122 44.45 -15.74 -6.93
CA LYS E 122 44.52 -14.43 -6.26
C LYS E 122 43.16 -13.76 -6.39
N SER E 123 42.45 -13.60 -5.27
CA SER E 123 41.10 -13.06 -5.31
C SER E 123 40.79 -12.40 -3.96
N GLU E 124 39.55 -11.93 -3.82
CA GLU E 124 39.04 -11.38 -2.58
C GLU E 124 37.67 -11.97 -2.33
N CYS E 125 37.32 -12.08 -1.04
CA CYS E 125 36.03 -12.62 -0.67
C CYS E 125 35.54 -11.96 0.61
N ILE E 126 34.23 -12.00 0.80
CA ILE E 126 33.59 -11.48 2.00
C ILE E 126 33.04 -12.66 2.77
N PHE E 127 33.47 -12.82 4.02
CA PHE E 127 33.01 -13.85 4.93
C PHE E 127 32.16 -13.22 6.03
N ILE E 128 30.98 -13.78 6.28
CA ILE E 128 30.10 -13.36 7.36
C ILE E 128 29.96 -14.52 8.32
N PHE E 129 30.24 -14.26 9.60
CA PHE E 129 30.21 -15.28 10.66
C PHE E 129 29.10 -14.96 11.65
N GLN E 130 28.32 -15.96 12.02
CA GLN E 130 27.45 -15.88 13.18
C GLN E 130 27.96 -16.85 14.24
N MET E 131 28.28 -16.34 15.43
CA MET E 131 28.87 -17.15 16.49
C MET E 131 27.79 -17.82 17.34
N SER E 132 28.18 -18.94 17.96
CA SER E 132 27.37 -19.57 18.99
C SER E 132 27.02 -18.57 20.08
N GLU E 133 26.02 -18.87 20.90
CA GLU E 133 25.67 -17.96 21.99
C GLU E 133 26.85 -17.72 22.90
N ASP E 134 27.66 -18.78 23.12
CA ASP E 134 28.97 -18.65 23.76
C ASP E 134 29.77 -17.47 23.22
N GLY E 135 29.83 -17.35 21.89
CA GLY E 135 30.83 -16.55 21.25
C GLY E 135 32.12 -17.28 20.95
N LYS E 136 32.20 -18.57 21.30
CA LYS E 136 33.42 -19.34 21.12
C LYS E 136 33.41 -20.22 19.87
N LEU E 137 32.28 -20.37 19.19
CA LEU E 137 32.22 -21.23 18.01
C LEU E 137 31.46 -20.54 16.89
N VAL E 138 31.78 -20.94 15.65
CA VAL E 138 31.08 -20.44 14.47
C VAL E 138 29.87 -21.33 14.21
N ASP E 139 28.68 -20.76 14.32
CA ASP E 139 27.47 -21.53 14.10
C ASP E 139 26.92 -21.40 12.68
N ARG E 140 27.31 -20.37 11.94
CA ARG E 140 26.83 -20.14 10.58
C ARG E 140 27.87 -19.31 9.82
N ILE E 141 28.03 -19.61 8.53
CA ILE E 141 28.94 -18.85 7.67
C ILE E 141 28.22 -18.51 6.37
N TRP E 142 28.42 -17.29 5.88
CA TRP E 142 28.06 -16.86 4.53
C TRP E 142 29.33 -16.39 3.85
N ALA E 143 29.56 -16.85 2.62
CA ALA E 143 30.75 -16.49 1.88
C ALA E 143 30.35 -15.95 0.51
N GLY E 144 30.82 -14.75 0.20
CA GLY E 144 30.61 -14.17 -1.11
C GLY E 144 31.93 -14.10 -1.87
N PHE E 145 32.01 -14.81 -2.99
CA PHE E 145 33.20 -14.84 -3.83
C PHE E 145 33.04 -13.95 -5.06
N ASP E 146 34.17 -13.66 -5.69
CA ASP E 146 34.23 -13.03 -7.01
C ASP E 146 33.88 -14.13 -8.03
N THR E 147 32.59 -14.25 -8.35
CA THR E 147 32.11 -15.36 -9.17
C THR E 147 32.68 -15.33 -10.59
N ALA E 148 32.91 -14.14 -11.14
CA ALA E 148 33.56 -14.08 -12.46
C ALA E 148 34.96 -14.63 -12.38
N TYR E 149 35.66 -14.36 -11.28
CA TYR E 149 37.00 -14.92 -11.15
C TYR E 149 36.95 -16.45 -11.01
N MET E 150 35.99 -16.96 -10.23
CA MET E 150 35.83 -18.41 -10.15
C MET E 150 35.57 -19.03 -11.52
N ASP E 151 34.73 -18.37 -12.33
CA ASP E 151 34.47 -18.86 -13.69
C ASP E 151 35.75 -18.92 -14.50
N GLU E 152 36.54 -17.83 -14.49
CA GLU E 152 37.80 -17.82 -15.21
C GLU E 152 38.78 -18.86 -14.67
N PHE E 153 38.79 -19.06 -13.36
CA PHE E 153 39.69 -20.05 -12.80
C PHE E 153 39.28 -21.46 -13.24
N GLU E 154 37.97 -21.76 -13.22
CA GLU E 154 37.55 -23.07 -13.67
C GLU E 154 37.82 -23.26 -15.15
N SER E 155 37.90 -22.16 -15.92
CA SER E 155 38.23 -22.27 -17.34
C SER E 155 39.72 -22.53 -17.53
N ARG E 156 40.56 -22.12 -16.57
CA ARG E 156 41.96 -22.55 -16.58
C ARG E 156 42.05 -24.05 -16.31
N LEU E 157 41.17 -24.57 -15.46
CA LEU E 157 41.09 -26.01 -15.25
C LEU E 157 40.70 -26.73 -16.54
N ASP E 158 39.59 -26.32 -17.15
CA ASP E 158 38.95 -26.99 -18.27
C ASP E 158 39.86 -27.19 -19.49
N GLY E 159 41.16 -26.94 -19.36
CA GLY E 159 42.09 -27.25 -20.43
C GLY E 159 43.33 -27.97 -19.94
N ILE E 160 43.28 -29.29 -19.86
CA ILE E 160 44.33 -30.08 -19.21
C ILE E 160 44.67 -31.31 -20.05
N PRO F 23 23.76 7.82 17.14
CA PRO F 23 22.61 7.30 16.40
C PRO F 23 22.29 5.86 16.83
N THR F 24 21.00 5.55 17.00
CA THR F 24 20.65 4.20 17.46
C THR F 24 20.82 3.18 16.34
N ARG F 25 20.69 1.91 16.73
CA ARG F 25 20.56 0.85 15.75
C ARG F 25 19.44 1.18 14.75
N GLU F 26 18.28 1.62 15.26
CA GLU F 26 17.15 1.88 14.38
C GLU F 26 17.39 3.10 13.50
N ASP F 27 18.02 4.15 14.04
CA ASP F 27 18.46 5.27 13.21
C ASP F 27 19.24 4.79 11.99
N LEU F 28 20.24 3.92 12.21
CA LEU F 28 21.10 3.48 11.11
C LEU F 28 20.32 2.69 10.08
N VAL F 29 19.52 1.71 10.54
CA VAL F 29 18.72 0.92 9.61
C VAL F 29 17.75 1.81 8.83
N ALA F 30 17.22 2.86 9.48
CA ALA F 30 16.27 3.74 8.81
C ALA F 30 16.94 4.50 7.67
N THR F 31 18.12 5.08 7.93
CA THR F 31 18.83 5.78 6.87
C THR F 31 19.17 4.83 5.71
N ALA F 32 19.41 3.54 6.00
CA ALA F 32 19.74 2.59 4.94
C ALA F 32 18.51 2.29 4.09
N LYS F 33 17.37 2.02 4.74
CA LYS F 33 16.16 1.76 3.98
C LYS F 33 15.73 2.99 3.20
N LEU F 34 15.99 4.19 3.71
CA LEU F 34 15.71 5.39 2.91
C LEU F 34 16.50 5.36 1.61
N PHE F 35 17.78 4.97 1.69
CA PHE F 35 18.60 4.78 0.51
C PHE F 35 17.95 3.79 -0.45
N ILE F 36 17.54 2.64 0.08
CA ILE F 36 16.99 1.59 -0.77
C ILE F 36 15.71 2.06 -1.46
N ALA F 37 14.71 2.46 -0.66
CA ALA F 37 13.44 2.89 -1.25
C ALA F 37 13.65 4.03 -2.24
N LYS F 38 14.60 4.92 -1.96
CA LYS F 38 14.97 5.96 -2.89
C LYS F 38 15.61 5.35 -4.13
N TYR F 39 16.53 4.41 -3.93
CA TYR F 39 17.18 3.71 -5.03
C TYR F 39 16.15 3.14 -6.00
N ASN F 40 15.09 2.53 -5.46
CA ASN F 40 14.10 1.87 -6.28
C ASN F 40 13.32 2.83 -7.17
N GLU F 41 13.43 4.14 -6.94
CA GLU F 41 12.89 5.13 -7.87
C GLU F 41 13.82 5.34 -9.06
N PHE F 42 15.08 4.97 -8.91
CA PHE F 42 16.10 4.94 -9.96
C PHE F 42 16.09 6.18 -10.85
N THR F 43 16.57 7.29 -10.31
CA THR F 43 16.94 8.46 -11.09
C THR F 43 18.30 8.93 -10.62
N PRO F 44 19.05 9.61 -11.49
CA PRO F 44 20.37 10.11 -11.06
C PRO F 44 20.38 10.83 -9.73
N GLU F 45 19.47 11.79 -9.53
CA GLU F 45 19.52 12.63 -8.34
C GLU F 45 18.99 11.90 -7.11
N SER F 46 17.99 11.04 -7.27
CA SER F 46 17.53 10.24 -6.14
C SER F 46 18.65 9.36 -5.61
N ILE F 47 19.43 8.75 -6.50
CA ILE F 47 20.46 7.78 -6.15
C ILE F 47 21.55 8.38 -5.27
N ILE F 48 21.70 9.71 -5.26
CA ILE F 48 22.77 10.39 -4.53
C ILE F 48 22.23 11.30 -3.45
N SER F 49 20.92 11.31 -3.22
CA SER F 49 20.32 12.30 -2.34
C SER F 49 20.50 11.97 -0.86
N VAL F 50 20.57 10.70 -0.51
CA VAL F 50 20.77 10.30 0.87
C VAL F 50 22.25 10.15 1.19
N ARG F 51 23.13 10.78 0.41
CA ARG F 51 24.56 10.59 0.50
C ARG F 51 25.24 11.91 0.79
N THR F 52 26.15 11.91 1.75
CA THR F 52 26.93 13.10 2.08
C THR F 52 27.63 13.58 0.82
N PRO F 53 27.92 14.87 0.70
CA PRO F 53 28.61 15.35 -0.51
C PRO F 53 29.93 14.65 -0.80
N ASN F 54 30.77 14.41 0.21
CA ASN F 54 32.11 13.86 0.01
C ASN F 54 32.14 12.34 -0.05
N SER F 55 31.01 11.67 0.00
CA SER F 55 30.98 10.22 0.14
C SER F 55 31.35 9.51 -1.16
N VAL F 56 32.10 8.42 -1.03
CA VAL F 56 32.46 7.56 -2.16
C VAL F 56 31.71 6.24 -2.03
N SER F 57 31.35 5.67 -3.19
CA SER F 57 30.78 4.34 -3.28
C SER F 57 31.81 3.40 -3.89
N HIS F 58 32.11 2.31 -3.19
CA HIS F 58 33.10 1.35 -3.63
C HIS F 58 32.39 0.12 -4.17
N ARG F 59 33.03 -0.53 -5.14
CA ARG F 59 32.60 -1.82 -5.64
C ARG F 59 33.58 -2.89 -5.18
N LEU F 60 33.06 -3.98 -4.61
CA LEU F 60 33.90 -5.05 -4.13
C LEU F 60 34.33 -5.97 -5.27
N PHE F 61 35.36 -6.77 -5.00
CA PHE F 61 35.86 -7.87 -5.84
C PHE F 61 36.75 -7.35 -6.94
N PRO F 62 37.96 -7.90 -7.08
CA PRO F 62 38.91 -7.37 -8.08
C PRO F 62 38.33 -7.24 -9.49
N THR F 63 37.39 -8.11 -9.89
CA THR F 63 36.87 -8.04 -11.26
C THR F 63 36.15 -6.73 -11.53
N ARG F 64 35.47 -6.16 -10.54
CA ARG F 64 34.67 -4.95 -10.70
C ARG F 64 35.16 -3.79 -9.84
N ASN F 65 36.40 -3.86 -9.36
CA ASN F 65 36.95 -2.82 -8.48
C ASN F 65 36.73 -1.43 -9.05
N ALA F 66 36.19 -0.54 -8.22
CA ALA F 66 35.86 0.82 -8.62
C ALA F 66 35.51 1.63 -7.38
N THR F 67 35.73 2.94 -7.47
CA THR F 67 35.36 3.87 -6.41
C THR F 67 34.84 5.15 -7.05
N ARG F 68 33.68 5.63 -6.59
CA ARG F 68 32.99 6.74 -7.25
C ARG F 68 32.53 7.77 -6.24
N ASN F 69 32.85 9.03 -6.50
CA ASN F 69 32.28 10.14 -5.76
C ASN F 69 30.85 10.39 -6.23
N ILE F 70 30.21 11.41 -5.65
CA ILE F 70 28.80 11.65 -5.93
C ILE F 70 28.60 12.04 -7.39
N GLY F 71 29.58 12.73 -7.98
CA GLY F 71 29.51 13.05 -9.39
C GLY F 71 29.59 11.82 -10.25
N GLU F 72 30.69 11.07 -10.13
CA GLU F 72 30.87 9.86 -10.93
C GLU F 72 29.69 8.90 -10.79
N SER F 73 29.06 8.87 -9.62
CA SER F 73 27.96 7.95 -9.39
C SER F 73 26.69 8.40 -10.12
N MET F 74 26.46 9.71 -10.19
CA MET F 74 25.28 10.21 -10.91
C MET F 74 25.43 10.00 -12.41
N GLU F 75 26.64 10.25 -12.93
CA GLU F 75 26.94 9.95 -14.33
C GLU F 75 26.69 8.48 -14.64
N ALA F 76 27.16 7.59 -13.77
CA ALA F 76 26.98 6.16 -14.02
C ALA F 76 25.51 5.75 -13.96
N CYS F 77 24.69 6.45 -13.16
CA CYS F 77 23.25 6.13 -13.16
C CYS F 77 22.59 6.53 -14.47
N ALA F 78 22.99 7.68 -15.03
CA ALA F 78 22.44 8.10 -16.31
C ALA F 78 22.66 7.02 -17.36
N ASN F 79 23.91 6.54 -17.46
CA ASN F 79 24.25 5.56 -18.49
C ASN F 79 23.44 4.28 -18.32
N ALA F 80 23.16 3.89 -17.07
CA ALA F 80 22.48 2.62 -16.82
C ALA F 80 20.99 2.68 -17.18
N LYS F 81 20.36 3.85 -17.05
CA LYS F 81 18.96 3.99 -17.43
C LYS F 81 18.77 3.82 -18.94
N GLU F 82 19.84 4.01 -19.73
CA GLU F 82 19.79 3.66 -21.15
C GLU F 82 19.46 2.18 -21.34
N VAL F 83 19.88 1.32 -20.43
CA VAL F 83 19.71 -0.13 -20.58
C VAL F 83 18.55 -0.66 -19.75
N PHE F 84 18.45 -0.28 -18.47
CA PHE F 84 17.42 -0.83 -17.59
C PHE F 84 16.11 -0.09 -17.77
N LYS F 85 15.04 -0.85 -18.03
CA LYS F 85 13.70 -0.28 -18.16
C LYS F 85 13.05 -0.06 -16.80
N SER F 86 13.33 -0.92 -15.83
CA SER F 86 12.84 -0.78 -14.47
C SER F 86 13.84 -1.46 -13.54
N LEU F 87 13.80 -1.06 -12.27
CA LEU F 87 14.76 -1.57 -11.29
C LEU F 87 14.11 -1.68 -9.92
N THR F 88 14.25 -2.84 -9.29
CA THR F 88 13.69 -3.11 -7.97
C THR F 88 14.74 -3.79 -7.11
N VAL F 89 15.14 -3.11 -6.04
CA VAL F 89 16.15 -3.59 -5.10
C VAL F 89 15.48 -3.74 -3.74
N SER F 90 15.36 -4.99 -3.25
CA SER F 90 14.64 -5.23 -2.01
C SER F 90 15.47 -6.08 -1.05
N VAL F 91 15.45 -5.68 0.23
CA VAL F 91 16.04 -6.50 1.28
C VAL F 91 15.36 -7.86 1.30
N ILE F 92 16.17 -8.92 1.26
CA ILE F 92 15.61 -10.27 1.14
C ILE F 92 15.02 -10.75 2.46
N ASP F 93 15.75 -10.57 3.56
CA ASP F 93 15.26 -11.03 4.86
C ASP F 93 15.75 -10.09 5.95
N ASP F 94 14.82 -9.36 6.57
CA ASP F 94 15.21 -8.36 7.56
C ASP F 94 15.93 -8.97 8.75
N ASN F 95 15.74 -10.27 9.01
CA ASN F 95 16.49 -10.96 10.06
C ASN F 95 17.97 -11.05 9.74
N ASP F 96 18.34 -11.09 8.46
CA ASP F 96 19.73 -11.27 8.09
C ASP F 96 20.51 -9.97 8.08
N THR F 97 19.84 -8.83 8.32
CA THR F 97 20.52 -7.55 8.33
C THR F 97 21.53 -7.47 9.47
N ILE F 98 22.59 -6.70 9.24
CA ILE F 98 23.70 -6.55 10.19
C ILE F 98 23.85 -5.07 10.50
N VAL F 99 23.99 -4.72 11.77
CA VAL F 99 24.18 -3.34 12.18
C VAL F 99 25.32 -3.24 13.17
N ASP F 100 26.30 -2.40 12.87
CA ASP F 100 27.45 -2.14 13.73
C ASP F 100 27.26 -0.72 14.28
N GLU F 101 26.66 -0.61 15.46
CA GLU F 101 26.43 0.71 16.04
C GLU F 101 27.73 1.48 16.23
N ARG F 102 28.83 0.78 16.50
CA ARG F 102 30.07 1.48 16.84
C ARG F 102 30.73 2.10 15.60
N THR F 103 30.70 1.41 14.47
CA THR F 103 31.23 1.95 13.23
C THR F 103 30.16 2.58 12.36
N ARG F 104 28.90 2.50 12.80
CA ARG F 104 27.76 3.10 12.07
C ARG F 104 27.59 2.45 10.69
N LYS F 105 27.58 1.11 10.66
CA LYS F 105 27.48 0.35 9.42
C LYS F 105 26.25 -0.55 9.45
N VAL F 106 25.64 -0.73 8.27
CA VAL F 106 24.51 -1.62 8.06
C VAL F 106 24.81 -2.47 6.82
N VAL F 107 24.49 -3.75 6.88
CA VAL F 107 24.73 -4.67 5.77
C VAL F 107 23.39 -5.27 5.36
N PHE F 108 23.04 -5.11 4.07
CA PHE F 108 21.85 -5.68 3.46
C PHE F 108 22.25 -6.72 2.43
N TYR F 109 21.59 -7.87 2.43
CA TYR F 109 21.62 -8.78 1.29
C TYR F 109 20.36 -8.53 0.47
N LEU F 110 20.55 -8.14 -0.79
CA LEU F 110 19.48 -7.58 -1.59
C LEU F 110 19.15 -8.49 -2.77
N ALA F 111 17.86 -8.57 -3.10
CA ALA F 111 17.43 -9.05 -4.40
C ALA F 111 17.30 -7.84 -5.31
N SER F 112 17.89 -7.92 -6.51
CA SER F 112 17.80 -6.86 -7.49
C SER F 112 17.13 -7.43 -8.74
N ARG F 113 16.17 -6.70 -9.27
CA ARG F 113 15.39 -7.23 -10.36
C ARG F 113 15.03 -6.07 -11.26
N GLY F 114 15.15 -6.30 -12.57
CA GLY F 114 14.99 -5.22 -13.51
C GLY F 114 14.48 -5.71 -14.84
N ASP F 115 13.96 -4.76 -15.62
CA ASP F 115 13.64 -4.97 -17.02
C ASP F 115 14.55 -4.10 -17.86
N THR F 116 15.17 -4.69 -18.88
CA THR F 116 16.23 -4.04 -19.64
C THR F 116 15.98 -4.27 -21.13
N ILE F 117 16.67 -3.48 -21.96
CA ILE F 117 16.57 -3.60 -23.41
C ILE F 117 17.04 -4.97 -23.88
N VAL F 118 17.39 -5.86 -22.94
CA VAL F 118 18.01 -7.13 -23.26
C VAL F 118 17.36 -8.26 -22.48
N GLY F 119 16.17 -8.03 -21.96
CA GLY F 119 15.51 -9.04 -21.17
C GLY F 119 15.66 -8.79 -19.67
N GLU F 120 15.22 -9.80 -18.90
CA GLU F 120 15.17 -9.73 -17.45
C GLU F 120 16.56 -9.62 -16.83
N TRP F 121 16.69 -8.72 -15.87
CA TRP F 121 17.80 -8.74 -14.92
C TRP F 121 17.29 -9.31 -13.60
N LYS F 122 18.00 -10.32 -13.09
CA LYS F 122 17.61 -11.00 -11.86
C LYS F 122 18.91 -11.41 -11.17
N SER F 123 19.15 -10.84 -9.99
CA SER F 123 20.43 -11.07 -9.32
C SER F 123 20.27 -10.78 -7.83
N GLU F 124 21.38 -10.91 -7.11
CA GLU F 124 21.48 -10.59 -5.69
C GLU F 124 22.77 -9.83 -5.48
N CYS F 125 22.75 -8.90 -4.52
CA CYS F 125 23.95 -8.17 -4.18
C CYS F 125 23.97 -7.90 -2.69
N ILE F 126 25.17 -7.61 -2.20
CA ILE F 126 25.40 -7.26 -0.81
C ILE F 126 25.80 -5.79 -0.80
N PHE F 127 25.07 -4.99 -0.02
CA PHE F 127 25.32 -3.56 0.13
C PHE F 127 25.77 -3.29 1.56
N ILE F 128 26.89 -2.59 1.72
CA ILE F 128 27.37 -2.15 3.03
C ILE F 128 27.31 -0.63 3.06
N PHE F 129 26.68 -0.08 4.11
CA PHE F 129 26.58 1.37 4.31
C PHE F 129 27.32 1.76 5.59
N GLN F 130 28.07 2.86 5.52
CA GLN F 130 28.57 3.58 6.69
C GLN F 130 27.95 4.97 6.72
N MET F 131 27.27 5.29 7.82
CA MET F 131 26.52 6.54 7.94
C MET F 131 27.40 7.69 8.40
N SER F 132 26.86 8.89 8.24
CA SER F 132 27.42 10.09 8.82
C SER F 132 27.43 9.97 10.35
N GLU F 133 28.33 10.72 10.99
CA GLU F 133 28.38 10.72 12.45
C GLU F 133 26.99 10.97 13.04
N ASP F 134 26.24 11.92 12.48
CA ASP F 134 24.88 12.16 12.94
C ASP F 134 23.93 11.02 12.61
N GLY F 135 24.35 10.07 11.77
CA GLY F 135 23.53 8.92 11.46
C GLY F 135 22.42 9.12 10.42
N LYS F 136 22.30 10.32 9.84
CA LYS F 136 21.18 10.62 8.95
C LYS F 136 21.52 10.53 7.45
N LEU F 137 22.80 10.50 7.10
CA LEU F 137 23.22 10.40 5.71
C LEU F 137 24.10 9.15 5.52
N VAL F 138 24.11 8.62 4.31
CA VAL F 138 25.06 7.58 3.95
C VAL F 138 26.38 8.24 3.58
N ASP F 139 27.43 7.94 4.33
CA ASP F 139 28.73 8.56 4.09
C ASP F 139 29.67 7.69 3.27
N ARG F 140 29.39 6.39 3.16
CA ARG F 140 30.24 5.51 2.37
C ARG F 140 29.46 4.25 2.02
N ILE F 141 29.74 3.71 0.83
CA ILE F 141 29.05 2.53 0.32
C ILE F 141 30.07 1.55 -0.21
N TRP F 142 29.82 0.27 0.02
CA TRP F 142 30.52 -0.82 -0.64
C TRP F 142 29.48 -1.75 -1.21
N ALA F 143 29.60 -2.10 -2.49
CA ALA F 143 28.62 -2.96 -3.13
C ALA F 143 29.30 -4.21 -3.69
N GLY F 144 28.73 -5.37 -3.38
CA GLY F 144 29.23 -6.61 -3.93
C GLY F 144 28.23 -7.29 -4.85
N PHE F 145 28.52 -7.34 -6.14
CA PHE F 145 27.61 -7.94 -7.11
C PHE F 145 28.03 -9.38 -7.45
N ASP F 146 27.13 -10.08 -8.14
CA ASP F 146 27.40 -11.38 -8.71
C ASP F 146 28.15 -11.11 -10.01
N THR F 147 29.49 -11.09 -9.93
CA THR F 147 30.27 -10.61 -11.08
C THR F 147 30.13 -11.52 -12.30
N ALA F 148 29.93 -12.83 -12.10
CA ALA F 148 29.72 -13.72 -13.23
C ALA F 148 28.43 -13.36 -13.97
N TYR F 149 27.38 -13.00 -13.22
CA TYR F 149 26.13 -12.60 -13.84
C TYR F 149 26.27 -11.24 -14.53
N MET F 150 27.00 -10.31 -13.91
CA MET F 150 27.32 -9.04 -14.55
C MET F 150 27.96 -9.26 -15.93
N ASP F 151 28.98 -10.13 -16.02
CA ASP F 151 29.60 -10.46 -17.30
C ASP F 151 28.60 -11.07 -18.27
N GLU F 152 27.85 -12.07 -17.81
CA GLU F 152 26.84 -12.69 -18.66
C GLU F 152 25.85 -11.66 -19.17
N PHE F 153 25.36 -10.78 -18.28
CA PHE F 153 24.45 -9.73 -18.73
C PHE F 153 25.11 -8.83 -19.77
N GLU F 154 26.32 -8.33 -19.48
CA GLU F 154 26.97 -7.42 -20.41
C GLU F 154 27.20 -8.06 -21.77
N SER F 155 27.49 -9.36 -21.80
CA SER F 155 27.67 -10.04 -23.08
C SER F 155 26.38 -10.09 -23.91
N ARG F 156 25.22 -9.89 -23.28
CA ARG F 156 23.99 -9.81 -24.05
C ARG F 156 23.95 -8.54 -24.90
N LEU F 157 24.52 -7.44 -24.40
CA LEU F 157 24.62 -6.24 -25.23
C LEU F 157 25.50 -6.46 -26.44
N ASP F 158 26.56 -7.27 -26.28
CA ASP F 158 27.44 -7.57 -27.41
C ASP F 158 26.68 -8.26 -28.54
N GLY F 159 25.60 -8.97 -28.23
CA GLY F 159 24.87 -9.69 -29.24
C GLY F 159 23.91 -8.88 -30.09
N ILE F 160 23.70 -7.60 -29.78
CA ILE F 160 22.74 -6.80 -30.54
C ILE F 160 23.30 -6.51 -31.93
N THR F 161 22.48 -6.75 -32.95
CA THR F 161 22.83 -6.40 -34.32
C THR F 161 21.56 -6.09 -35.09
N PHE F 162 21.71 -5.32 -36.17
CA PHE F 162 20.58 -4.92 -37.00
C PHE F 162 20.67 -5.50 -38.41
#